data_8BCZ
#
_entry.id   8BCZ
#
_cell.length_a   1.00
_cell.length_b   1.00
_cell.length_c   1.00
_cell.angle_alpha   90.00
_cell.angle_beta   90.00
_cell.angle_gamma   90.00
#
_symmetry.space_group_name_H-M   'P 1'
#
loop_
_entity.id
_entity.type
_entity.pdbx_description
1 polymer 'Spike protein S1'
2 polymer 'BA.2-23 heavy chain'
3 polymer 'BA.2-23 light chain'
4 polymer 'COVOX-45 heavy chain'
5 polymer 'COVOX-45 light chain'
6 polymer 'EY6A heavy chain'
7 polymer 'EY6A light chain'
8 polymer 'BA.2-36 heavy chain'
9 polymer 'BA.2-36 light chain'
#
loop_
_entity_poly.entity_id
_entity_poly.type
_entity_poly.pdbx_seq_one_letter_code
_entity_poly.pdbx_strand_id
1 'polypeptide(L)'
;HHHHHHTNLCPFGEVFNATRFASVYAWNRKRISNCVADYSVLYNSASFSTFKCYGVSPTKLNDLCFTNVYADSFVIRGDE
VRQIAPGQTGKIADYNYKLPDDFTGCVIAWNSNNLDSKVGGNYNYRYRLFRKSNLKPFERDISTEIYQAGSKPCNGVEGF
NCYFPLQSYGFQPTNGVGYQPYRVVVLSFELLHAPATVCGKK
;
R
2 'polypeptide(L)'
;QVQLVESGGGLVQPGGSLRLSCEVSGFTVTVNYMTWVRQAPGQGLEWVAMIYSGGSTFYADSVKGRFTISRHNSKNTLFL
QMNSLRPEDTAVYYCARPIVGGIAGMDVWGLGTTVTVSS
;
H
3 'polypeptide(L)'
;AIRMTQSPSSLSASVGDRITITCQASQDINKYLNWYQQKPGKAPKLLIYDASNLETGVPSRFSGSGSGTDFTFTINSLQP
EDIATYYCQQHDNIPITFGQGTRLEIK
;
L
4 'polypeptide(L)'
;QVQLVESGGGVVQPGRSLRLSCAASGFTFSTYAMHWVRQAPGKGLEWVAVLSYDGSNKYYADSVKGRFTISRDNSKNTLY
LQMNSLRAEDTAVYYCAKGGSYAYYYYMDVWGKGTTVTVSSASTKGPSVFPLAPSSKSTSGGTAALGCLVKDYFPEPVTV
SWNSGALTSGVHTFPAVLQSSGLYSLSSVVTVPSSSLGTQTYICNVNHKPSNTKVDKKVEPKSCDK
;
C
5 'polypeptide(L)'
;DIQLTQSPSSLSASVGDRVTITCQASQDISNYLNWYQQKPGKAPKLLIYDASNLETGVPSRFSGGGSGTDFTFTITSLQP
EDIATYYCQQYDNLPLTFGGGTKVDIK
;
D
6 'polypeptide(L)'
;EVQLVESGGGVVQPGRSLRLSCAASAFTFSSYDMHWVRQAPGKGLEWVAVISYDGSNKYYADSVKGRFTISRDNSKNTLY
LQMNSLRAEDTAVYYCAKDGGKLWVYYFDYWGQGTLVTVSS
;
E
7 'polypeptide(L)'
;DIQMTQSPSSLSASVGDRVTITCRASQSISSYLNWYQQKPGKAPKLLIYAASSLQSGVPSRFSGSGSGTDFTLTISSLQP
EDFATYYCQQSYSTLALTFGGGTKVEIK
;
F
8 'polypeptide(L)'
;QVQLVESGPGRVKPSQTLSLTCTVSGDSINSGINYWNWIRQPAGKELEWIGRIFTSGTTHYNPSLKSRVTISVDRSKNEF
SLTLNSVTAADTAVYFCGRGGTDDYVDYWGQGTLVTVSS
;
A
9 'polypeptide(L)'
;AIQMTQSPSTLSASVGDRVTITCRASQDINSWLAWYQQKPGKAPKLLIYDASSLHSGVPTRFSGSGSGTEFTLTISSLQP
DDFASYYCQQYKSYRTFGRGTKVEIK
;
B
#
# COMPACT_ATOMS: atom_id res chain seq x y z
N THR A 7 -20.87 22.56 11.25
CA THR A 7 -19.96 21.48 10.94
C THR A 7 -20.56 20.12 11.30
N ASN A 8 -20.64 19.23 10.31
CA ASN A 8 -21.21 17.90 10.50
C ASN A 8 -20.11 16.94 10.94
N LEU A 9 -20.44 15.65 10.98
CA LEU A 9 -19.48 14.64 11.39
C LEU A 9 -18.60 14.21 10.22
N CYS A 10 -17.31 14.02 10.49
CA CYS A 10 -16.39 13.61 9.45
C CYS A 10 -16.72 12.19 8.98
N PRO A 11 -16.57 11.90 7.70
CA PRO A 11 -16.95 10.57 7.18
C PRO A 11 -15.86 9.53 7.35
N PHE A 12 -15.41 9.35 8.60
CA PHE A 12 -14.46 8.28 8.90
C PHE A 12 -15.10 6.92 8.72
N GLY A 13 -16.41 6.81 8.94
CA GLY A 13 -17.08 5.53 8.80
C GLY A 13 -17.03 4.99 7.39
N GLU A 14 -17.13 5.88 6.40
CA GLU A 14 -17.01 5.45 5.02
C GLU A 14 -15.63 4.90 4.71
N VAL A 15 -14.58 5.54 5.23
CA VAL A 15 -13.22 5.08 4.99
C VAL A 15 -13.00 3.71 5.63
N PHE A 16 -13.45 3.54 6.87
CA PHE A 16 -13.13 2.33 7.62
C PHE A 16 -14.10 1.19 7.34
N ASN A 17 -15.36 1.49 7.05
CA ASN A 17 -16.37 0.46 6.80
C ASN A 17 -16.70 0.32 5.32
N ALA A 18 -15.83 0.77 4.43
CA ALA A 18 -16.04 0.56 3.00
C ALA A 18 -16.01 -0.92 2.68
N THR A 19 -16.95 -1.36 1.83
CA THR A 19 -17.04 -2.78 1.51
C THR A 19 -15.86 -3.24 0.66
N ARG A 20 -15.38 -2.39 -0.26
CA ARG A 20 -14.29 -2.72 -1.14
C ARG A 20 -13.13 -1.76 -0.91
N PHE A 21 -11.93 -2.31 -0.72
CA PHE A 21 -10.72 -1.52 -0.54
C PHE A 21 -9.86 -1.58 -1.79
N ALA A 22 -9.04 -0.56 -1.97
CA ALA A 22 -8.21 -0.45 -3.16
C ALA A 22 -7.00 -1.37 -3.07
N SER A 23 -6.37 -1.59 -4.22
CA SER A 23 -5.10 -2.30 -4.26
C SER A 23 -3.97 -1.38 -3.80
N VAL A 24 -2.89 -1.99 -3.31
CA VAL A 24 -1.83 -1.20 -2.71
C VAL A 24 -1.14 -0.31 -3.75
N TYR A 25 -1.06 -0.76 -5.02
CA TYR A 25 -0.46 0.09 -6.03
C TYR A 25 -1.38 1.23 -6.44
N ALA A 26 -2.70 1.02 -6.31
CA ALA A 26 -3.68 2.05 -6.66
C ALA A 26 -4.47 2.46 -5.42
N TRP A 27 -3.75 2.71 -4.33
CA TRP A 27 -4.38 3.00 -3.04
C TRP A 27 -5.29 4.22 -3.12
N ASN A 28 -6.43 4.14 -2.44
CA ASN A 28 -7.37 5.27 -2.44
C ASN A 28 -6.90 6.33 -1.46
N ARG A 29 -7.23 7.58 -1.76
CA ARG A 29 -7.02 8.68 -0.83
C ARG A 29 -8.29 9.52 -0.76
N LYS A 30 -8.74 9.79 0.46
CA LYS A 30 -9.91 10.64 0.69
C LYS A 30 -9.49 11.84 1.53
N ARG A 31 -9.91 13.03 1.09
CA ARG A 31 -9.65 14.27 1.82
C ARG A 31 -10.81 14.56 2.77
N ILE A 32 -10.47 14.99 3.97
CA ILE A 32 -11.44 15.22 5.03
C ILE A 32 -11.19 16.61 5.60
N SER A 33 -12.21 17.46 5.55
CA SER A 33 -12.14 18.82 6.06
C SER A 33 -13.55 19.30 6.37
N ASN A 34 -13.63 20.40 7.12
CA ASN A 34 -14.90 21.06 7.41
C ASN A 34 -15.91 20.12 8.07
N CYS A 35 -15.49 19.50 9.17
CA CYS A 35 -16.35 18.57 9.87
C CYS A 35 -15.85 18.40 11.30
N VAL A 36 -16.69 17.79 12.13
CA VAL A 36 -16.35 17.45 13.51
C VAL A 36 -15.91 15.99 13.53
N ALA A 37 -14.70 15.75 14.04
CA ALA A 37 -14.06 14.45 13.97
C ALA A 37 -14.18 13.72 15.29
N ASP A 38 -14.63 12.46 15.24
CA ASP A 38 -14.65 11.59 16.42
C ASP A 38 -13.34 10.82 16.55
N TYR A 39 -12.27 11.57 16.83
CA TYR A 39 -10.93 10.99 16.90
C TYR A 39 -10.86 9.90 17.97
N SER A 40 -11.14 10.26 19.23
CA SER A 40 -11.03 9.31 20.32
C SER A 40 -12.05 8.19 20.21
N VAL A 41 -13.07 8.34 19.35
CA VAL A 41 -14.05 7.29 19.13
C VAL A 41 -13.65 6.34 18.01
N LEU A 42 -12.64 6.69 17.20
CA LEU A 42 -12.14 5.76 16.21
C LEU A 42 -11.56 4.52 16.86
N TYR A 43 -10.76 4.69 17.91
CA TYR A 43 -10.20 3.57 18.64
C TYR A 43 -11.09 3.26 19.84
N ASN A 44 -12.22 2.65 19.55
CA ASN A 44 -13.12 2.12 20.56
C ASN A 44 -13.34 0.62 20.44
N SER A 45 -13.26 0.07 19.24
CA SER A 45 -13.33 -1.37 19.03
C SER A 45 -11.96 -2.01 19.24
N ALA A 46 -11.97 -3.33 19.40
CA ALA A 46 -10.75 -4.11 19.54
C ALA A 46 -10.34 -4.79 18.24
N SER A 47 -10.95 -4.41 17.11
CA SER A 47 -10.67 -5.05 15.84
C SER A 47 -9.32 -4.66 15.25
N PHE A 48 -8.76 -3.52 15.65
CA PHE A 48 -7.50 -3.04 15.10
C PHE A 48 -6.36 -3.89 15.63
N SER A 49 -5.69 -4.63 14.75
CA SER A 49 -4.53 -5.42 15.13
C SER A 49 -3.23 -4.68 14.93
N THR A 50 -3.27 -3.43 14.47
CA THR A 50 -2.06 -2.60 14.36
C THR A 50 -2.49 -1.14 14.42
N PHE A 51 -2.05 -0.44 15.46
CA PHE A 51 -2.36 0.98 15.63
C PHE A 51 -1.05 1.67 16.02
N LYS A 52 -0.43 2.36 15.06
CA LYS A 52 0.88 2.97 15.28
C LYS A 52 0.83 4.42 14.83
N CYS A 53 1.03 5.35 15.75
CA CYS A 53 1.02 6.77 15.42
C CYS A 53 2.43 7.31 15.42
N TYR A 54 2.72 8.21 14.48
CA TYR A 54 4.03 8.82 14.32
C TYR A 54 3.86 10.32 14.29
N GLY A 55 4.37 11.01 15.31
CA GLY A 55 4.35 12.45 15.37
C GLY A 55 3.17 13.06 16.08
N VAL A 56 2.09 12.30 16.28
CA VAL A 56 0.93 12.77 17.01
C VAL A 56 0.52 11.70 18.02
N SER A 57 0.16 12.13 19.21
CA SER A 57 -0.38 11.21 20.20
C SER A 57 -1.85 10.95 19.92
N PRO A 58 -2.27 9.68 19.85
CA PRO A 58 -3.69 9.41 19.57
C PRO A 58 -4.63 9.94 20.64
N THR A 59 -4.14 10.14 21.86
CA THR A 59 -4.97 10.69 22.93
C THR A 59 -5.03 12.22 22.88
N LYS A 60 -4.21 12.87 22.06
CA LYS A 60 -4.21 14.32 21.93
C LYS A 60 -4.90 14.78 20.66
N LEU A 61 -5.53 13.87 19.91
CA LEU A 61 -6.18 14.26 18.67
C LEU A 61 -7.45 15.06 18.95
N ASN A 62 -8.20 14.68 19.98
CA ASN A 62 -9.46 15.34 20.28
C ASN A 62 -9.29 16.80 20.67
N ASP A 63 -8.10 17.19 21.11
CA ASP A 63 -7.82 18.57 21.49
C ASP A 63 -6.97 19.29 20.46
N LEU A 64 -6.92 18.77 19.24
CA LEU A 64 -6.12 19.34 18.16
C LEU A 64 -7.01 19.67 16.97
N CYS A 65 -6.75 20.83 16.36
CA CYS A 65 -7.45 21.26 15.16
C CYS A 65 -6.49 21.19 13.98
N PHE A 66 -6.92 20.51 12.92
CA PHE A 66 -6.10 20.33 11.73
C PHE A 66 -6.80 20.98 10.54
N THR A 67 -6.01 21.30 9.51
CA THR A 67 -6.59 21.83 8.28
C THR A 67 -7.16 20.72 7.41
N ASN A 68 -6.43 19.62 7.25
CA ASN A 68 -6.89 18.51 6.42
C ASN A 68 -6.53 17.18 7.07
N VAL A 69 -7.33 16.16 6.81
CA VAL A 69 -7.02 14.79 7.20
C VAL A 69 -7.15 13.92 5.96
N TYR A 70 -6.06 13.27 5.58
CA TYR A 70 -6.02 12.45 4.38
C TYR A 70 -6.01 10.99 4.77
N ALA A 71 -7.02 10.25 4.34
CA ALA A 71 -7.13 8.83 4.64
C ALA A 71 -6.73 8.03 3.39
N ASP A 72 -5.58 7.38 3.45
CA ASP A 72 -5.09 6.52 2.38
C ASP A 72 -5.40 5.07 2.75
N SER A 73 -6.21 4.41 1.94
CA SER A 73 -6.70 3.08 2.26
C SER A 73 -6.32 2.09 1.17
N PHE A 74 -5.94 0.89 1.60
CA PHE A 74 -5.59 -0.20 0.68
C PHE A 74 -5.61 -1.51 1.45
N VAL A 75 -5.21 -2.59 0.76
CA VAL A 75 -5.11 -3.92 1.33
C VAL A 75 -3.74 -4.49 0.99
N ILE A 76 -3.06 -5.05 1.97
CA ILE A 76 -1.76 -5.68 1.77
C ILE A 76 -1.74 -7.02 2.49
N ARG A 77 -0.59 -7.68 2.45
CA ARG A 77 -0.35 -8.90 3.17
C ARG A 77 -0.05 -8.59 4.64
N GLY A 78 -0.29 -9.58 5.51
CA GLY A 78 -0.01 -9.38 6.91
C GLY A 78 1.46 -9.09 7.20
N ASP A 79 2.34 -9.92 6.63
CA ASP A 79 3.77 -9.76 6.86
C ASP A 79 4.32 -8.46 6.29
N GLU A 80 3.56 -7.80 5.43
CA GLU A 80 3.96 -6.52 4.86
C GLU A 80 3.42 -5.32 5.63
N VAL A 81 2.57 -5.55 6.65
CA VAL A 81 2.01 -4.44 7.40
C VAL A 81 3.12 -3.67 8.12
N ARG A 82 4.20 -4.36 8.48
CA ARG A 82 5.32 -3.70 9.14
C ARG A 82 6.01 -2.69 8.22
N GLN A 83 5.80 -2.79 6.91
CA GLN A 83 6.43 -1.88 5.97
C GLN A 83 5.69 -0.56 5.83
N ILE A 84 4.51 -0.42 6.43
CA ILE A 84 3.76 0.84 6.38
C ILE A 84 4.22 1.66 7.58
N ALA A 85 5.34 2.35 7.41
CA ALA A 85 5.96 3.15 8.45
C ALA A 85 7.09 3.97 7.84
N PRO A 86 7.42 5.13 8.41
CA PRO A 86 8.56 5.90 7.90
C PRO A 86 9.86 5.10 7.98
N GLY A 87 10.70 5.26 6.97
CA GLY A 87 12.00 4.64 6.99
C GLY A 87 12.01 3.14 6.76
N GLN A 88 10.97 2.59 6.14
CA GLN A 88 10.90 1.18 5.85
C GLN A 88 11.32 0.91 4.41
N THR A 89 11.77 -0.32 4.16
CA THR A 89 12.19 -0.74 2.84
C THR A 89 11.61 -2.12 2.55
N GLY A 90 11.50 -2.42 1.26
CA GLY A 90 10.88 -3.65 0.82
C GLY A 90 10.25 -3.44 -0.53
N LYS A 91 9.26 -4.29 -0.84
CA LYS A 91 8.53 -4.13 -2.09
C LYS A 91 7.38 -3.15 -1.95
N ILE A 92 6.60 -3.28 -0.86
CA ILE A 92 5.48 -2.37 -0.65
C ILE A 92 5.97 -0.95 -0.40
N ALA A 93 7.02 -0.80 0.41
CA ALA A 93 7.51 0.54 0.74
C ALA A 93 8.16 1.22 -0.47
N ASP A 94 8.80 0.44 -1.34
CA ASP A 94 9.58 1.04 -2.42
C ASP A 94 8.79 1.19 -3.72
N TYR A 95 7.88 0.25 -4.02
CA TYR A 95 7.22 0.23 -5.32
C TYR A 95 5.73 0.48 -5.26
N ASN A 96 5.12 0.40 -4.08
CA ASN A 96 3.67 0.53 -3.97
C ASN A 96 3.23 1.73 -3.13
N TYR A 97 3.66 1.83 -1.88
CA TYR A 97 3.21 2.90 -1.00
C TYR A 97 4.34 3.31 -0.07
N LYS A 98 4.78 4.55 -0.15
CA LYS A 98 5.90 5.06 0.62
C LYS A 98 5.45 6.21 1.51
N LEU A 99 5.78 6.14 2.79
CA LEU A 99 5.55 7.18 3.78
C LEU A 99 6.83 7.98 4.02
N PRO A 100 6.73 9.30 4.13
CA PRO A 100 7.93 10.12 4.30
C PRO A 100 8.59 9.90 5.65
N ASP A 101 9.84 10.36 5.76
CA ASP A 101 10.60 10.19 6.99
C ASP A 101 9.99 11.00 8.13
N ASP A 102 9.50 12.20 7.84
CA ASP A 102 8.86 13.07 8.83
C ASP A 102 7.34 12.96 8.78
N PHE A 103 6.84 11.75 8.57
CA PHE A 103 5.40 11.51 8.51
C PHE A 103 4.75 11.86 9.85
N THR A 104 3.60 12.55 9.78
CA THR A 104 2.83 12.93 10.95
C THR A 104 1.42 12.38 10.77
N GLY A 105 1.13 11.26 11.42
CA GLY A 105 -0.17 10.64 11.25
C GLY A 105 -0.27 9.36 12.06
N CYS A 106 -1.18 8.49 11.63
CA CYS A 106 -1.41 7.21 12.30
C CYS A 106 -1.73 6.13 11.27
N VAL A 107 -1.18 4.94 11.48
CA VAL A 107 -1.39 3.80 10.60
C VAL A 107 -2.22 2.78 11.37
N ILE A 108 -3.37 2.41 10.81
CA ILE A 108 -4.31 1.49 11.45
C ILE A 108 -4.56 0.36 10.47
N ALA A 109 -4.16 -0.85 10.84
CA ALA A 109 -4.34 -2.03 10.00
C ALA A 109 -5.08 -3.09 10.79
N TRP A 110 -5.98 -3.79 10.12
CA TRP A 110 -6.73 -4.86 10.76
C TRP A 110 -6.90 -6.04 9.81
N ASN A 111 -7.04 -7.22 10.40
CA ASN A 111 -7.14 -8.46 9.64
C ASN A 111 -8.52 -8.57 8.99
N SER A 112 -8.55 -8.76 7.68
CA SER A 112 -9.81 -8.88 6.96
C SER A 112 -9.86 -10.21 6.20
N ASN A 113 -9.49 -11.30 6.87
CA ASN A 113 -9.52 -12.61 6.24
C ASN A 113 -10.93 -13.02 5.84
N ASN A 114 -11.95 -12.47 6.51
CA ASN A 114 -13.32 -12.83 6.19
C ASN A 114 -13.77 -12.22 4.86
N LEU A 115 -13.45 -10.93 4.65
CA LEU A 115 -13.91 -10.25 3.44
C LEU A 115 -12.98 -10.51 2.26
N ASP A 116 -11.72 -10.09 2.39
CA ASP A 116 -10.77 -10.03 1.27
C ASP A 116 -10.12 -11.36 0.96
N SER A 117 -10.70 -12.48 1.40
CA SER A 117 -10.11 -13.79 1.15
C SER A 117 -11.21 -14.74 0.70
N LYS A 118 -11.06 -15.30 -0.49
CA LYS A 118 -12.06 -16.17 -1.09
C LYS A 118 -11.50 -17.57 -1.29
N VAL A 119 -12.41 -18.54 -1.38
CA VAL A 119 -12.00 -19.95 -1.44
C VAL A 119 -11.17 -20.21 -2.69
N GLY A 120 -11.63 -19.71 -3.83
CA GLY A 120 -10.89 -19.90 -5.06
C GLY A 120 -9.70 -18.99 -5.27
N GLY A 121 -9.49 -18.04 -4.36
CA GLY A 121 -8.42 -17.09 -4.52
C GLY A 121 -8.96 -15.73 -4.94
N ASN A 122 -8.56 -14.68 -4.23
CA ASN A 122 -8.99 -13.32 -4.52
C ASN A 122 -7.85 -12.62 -5.25
N TYR A 123 -8.00 -12.45 -6.55
CA TYR A 123 -6.97 -11.85 -7.39
C TYR A 123 -7.22 -10.37 -7.65
N ASN A 124 -8.19 -9.76 -6.97
CA ASN A 124 -8.48 -8.35 -7.17
C ASN A 124 -7.40 -7.45 -6.60
N TYR A 125 -6.57 -7.95 -5.70
CA TYR A 125 -5.55 -7.15 -5.04
C TYR A 125 -4.19 -7.47 -5.62
N ARG A 126 -3.47 -6.42 -6.05
CA ARG A 126 -2.20 -6.58 -6.74
C ARG A 126 -1.20 -5.57 -6.20
N TYR A 127 0.07 -5.89 -6.37
CA TYR A 127 1.16 -5.04 -5.95
C TYR A 127 2.21 -4.99 -7.06
N ARG A 128 2.87 -3.85 -7.18
CA ARG A 128 3.91 -3.67 -8.18
C ARG A 128 5.16 -4.42 -7.75
N LEU A 129 5.56 -5.43 -8.53
CA LEU A 129 6.70 -6.27 -8.21
C LEU A 129 8.00 -5.72 -8.77
N PHE A 130 7.96 -5.10 -9.95
CA PHE A 130 9.13 -4.58 -10.62
C PHE A 130 9.00 -3.07 -10.79
N ARG A 131 10.11 -2.36 -10.54
CA ARG A 131 10.15 -0.93 -10.80
C ARG A 131 11.61 -0.50 -10.88
N LYS A 132 11.92 0.37 -11.84
CA LYS A 132 13.30 0.80 -12.04
C LYS A 132 13.83 1.63 -10.89
N SER A 133 12.94 2.23 -10.07
CA SER A 133 13.38 3.06 -8.97
C SER A 133 12.32 3.02 -7.87
N ASN A 134 12.71 3.51 -6.70
CA ASN A 134 11.80 3.54 -5.57
C ASN A 134 10.88 4.75 -5.64
N LEU A 135 9.66 4.58 -5.13
CA LEU A 135 8.69 5.67 -5.12
C LEU A 135 9.12 6.78 -4.19
N LYS A 136 8.83 8.01 -4.59
CA LYS A 136 8.90 9.13 -3.69
C LYS A 136 7.70 9.08 -2.75
N PRO A 137 7.76 9.76 -1.60
CA PRO A 137 6.66 9.66 -0.63
C PRO A 137 5.33 10.11 -1.23
N PHE A 138 4.29 9.33 -0.94
CA PHE A 138 2.91 9.61 -1.37
C PHE A 138 2.77 9.65 -2.89
N GLU A 139 3.62 8.93 -3.61
CA GLU A 139 3.52 8.82 -5.06
C GLU A 139 2.78 7.54 -5.43
N ARG A 140 1.83 7.64 -6.35
CA ARG A 140 1.07 6.51 -6.83
C ARG A 140 1.45 6.19 -8.26
N ASP A 141 1.78 4.93 -8.52
CA ASP A 141 2.14 4.45 -9.85
C ASP A 141 1.13 3.38 -10.24
N ILE A 142 0.36 3.66 -11.30
CA ILE A 142 -0.69 2.75 -11.75
C ILE A 142 -0.46 2.26 -13.18
N SER A 143 0.65 2.63 -13.80
CA SER A 143 0.90 2.20 -15.17
C SER A 143 1.12 0.70 -15.24
N THR A 144 0.54 0.08 -16.27
CA THR A 144 0.66 -1.36 -16.50
C THR A 144 1.60 -1.67 -17.65
N GLU A 145 2.55 -0.78 -17.94
CA GLU A 145 3.50 -1.01 -19.02
C GLU A 145 4.37 -2.23 -18.70
N ILE A 146 4.63 -3.03 -19.73
CA ILE A 146 5.47 -4.21 -19.56
C ILE A 146 6.88 -3.79 -19.17
N TYR A 147 7.43 -4.48 -18.17
CA TYR A 147 8.73 -4.14 -17.62
C TYR A 147 9.84 -4.74 -18.47
N GLN A 148 10.78 -3.90 -18.88
CA GLN A 148 11.88 -4.31 -19.75
C GLN A 148 13.14 -4.48 -18.91
N ALA A 149 13.53 -5.73 -18.68
CA ALA A 149 14.73 -6.05 -17.91
C ALA A 149 15.95 -6.29 -18.79
N GLY A 150 15.83 -6.15 -20.11
CA GLY A 150 16.94 -6.38 -21.00
C GLY A 150 17.14 -5.27 -22.01
N SER A 151 17.85 -5.56 -23.09
CA SER A 151 18.04 -4.57 -24.14
C SER A 151 16.96 -4.67 -25.21
N LYS A 152 16.38 -5.84 -25.41
CA LYS A 152 15.34 -6.00 -26.42
C LYS A 152 14.05 -5.37 -25.93
N PRO A 153 13.46 -4.43 -26.68
CA PRO A 153 12.18 -3.85 -26.27
C PRO A 153 11.08 -4.90 -26.24
N CYS A 154 10.10 -4.67 -25.36
CA CYS A 154 9.05 -5.66 -25.12
C CYS A 154 7.90 -5.55 -26.09
N ASN A 155 7.67 -4.38 -26.68
CA ASN A 155 6.61 -4.16 -27.67
C ASN A 155 5.23 -4.51 -27.10
N GLY A 156 5.04 -4.31 -25.81
CA GLY A 156 3.76 -4.57 -25.19
C GLY A 156 3.44 -6.03 -24.98
N VAL A 157 4.39 -6.93 -25.19
CA VAL A 157 4.19 -8.36 -25.05
C VAL A 157 5.25 -8.90 -24.10
N GLU A 158 4.84 -9.74 -23.16
CA GLU A 158 5.77 -10.31 -22.20
C GLU A 158 6.47 -11.51 -22.80
N GLY A 159 7.80 -11.52 -22.71
CA GLY A 159 8.59 -12.64 -23.18
C GLY A 159 9.80 -12.88 -22.30
N PHE A 160 10.97 -13.06 -22.91
CA PHE A 160 12.20 -13.16 -22.14
C PHE A 160 12.72 -11.77 -21.84
N ASN A 161 13.07 -11.53 -20.57
CA ASN A 161 13.48 -10.22 -20.08
C ASN A 161 12.37 -9.18 -20.23
N CYS A 162 11.12 -9.64 -20.20
CA CYS A 162 9.95 -8.76 -20.27
C CYS A 162 8.89 -9.33 -19.35
N TYR A 163 8.54 -8.59 -18.30
CA TYR A 163 7.65 -9.09 -17.26
C TYR A 163 6.52 -8.12 -17.02
N PHE A 164 5.36 -8.66 -16.66
CA PHE A 164 4.23 -7.84 -16.25
C PHE A 164 4.50 -7.27 -14.86
N PRO A 165 4.42 -5.96 -14.67
CA PRO A 165 4.91 -5.38 -13.40
C PRO A 165 4.05 -5.69 -12.18
N LEU A 166 2.79 -6.10 -12.36
CA LEU A 166 1.87 -6.27 -11.24
C LEU A 166 1.67 -7.74 -10.94
N GLN A 167 1.84 -8.11 -9.67
CA GLN A 167 1.65 -9.47 -9.20
C GLN A 167 0.52 -9.49 -8.19
N SER A 168 -0.27 -10.55 -8.20
CA SER A 168 -1.48 -10.62 -7.38
C SER A 168 -1.24 -11.49 -6.15
N TYR A 169 -1.80 -11.08 -5.01
CA TYR A 169 -1.84 -11.90 -3.81
C TYR A 169 -2.94 -12.94 -4.00
N GLY A 170 -2.57 -14.19 -4.20
CA GLY A 170 -3.60 -15.21 -4.15
C GLY A 170 -4.08 -15.36 -2.73
N PHE A 171 -5.26 -14.80 -2.43
CA PHE A 171 -5.77 -14.77 -1.07
C PHE A 171 -6.75 -15.91 -0.86
N GLN A 172 -6.44 -16.79 0.08
CA GLN A 172 -7.28 -17.92 0.42
C GLN A 172 -7.46 -17.97 1.93
N PRO A 173 -8.58 -18.52 2.42
CA PRO A 173 -8.81 -18.55 3.88
C PRO A 173 -7.89 -19.51 4.61
N THR A 174 -7.14 -20.35 3.92
CA THR A 174 -6.23 -21.30 4.56
C THR A 174 -4.83 -20.75 4.77
N ASN A 175 -4.53 -19.56 4.25
CA ASN A 175 -3.19 -19.00 4.39
C ASN A 175 -2.91 -18.62 5.84
N GLY A 176 -1.63 -18.63 6.20
CA GLY A 176 -1.24 -18.21 7.52
C GLY A 176 -1.43 -16.72 7.71
N VAL A 177 -1.40 -16.31 8.98
CA VAL A 177 -1.70 -14.92 9.34
C VAL A 177 -0.74 -13.95 8.66
N GLY A 178 0.48 -14.39 8.36
CA GLY A 178 1.39 -13.53 7.62
C GLY A 178 1.10 -13.42 6.15
N TYR A 179 0.23 -14.30 5.63
CA TYR A 179 -0.15 -14.28 4.22
C TYR A 179 -1.63 -14.01 4.02
N GLN A 180 -2.36 -13.63 5.08
CA GLN A 180 -3.77 -13.27 5.05
C GLN A 180 -3.92 -11.78 4.77
N PRO A 181 -5.04 -11.36 4.17
CA PRO A 181 -5.20 -9.94 3.82
C PRO A 181 -5.38 -9.07 5.05
N TYR A 182 -4.83 -7.86 4.98
CA TYR A 182 -4.98 -6.87 6.03
C TYR A 182 -5.35 -5.55 5.37
N ARG A 183 -6.42 -4.93 5.88
CA ARG A 183 -6.85 -3.62 5.40
C ARG A 183 -6.13 -2.54 6.20
N VAL A 184 -5.54 -1.59 5.48
CA VAL A 184 -4.68 -0.56 6.06
C VAL A 184 -5.25 0.80 5.72
N VAL A 185 -5.44 1.63 6.74
CA VAL A 185 -5.85 3.02 6.60
C VAL A 185 -4.80 3.89 7.27
N VAL A 186 -4.29 4.86 6.54
CA VAL A 186 -3.26 5.77 7.01
C VAL A 186 -3.88 7.16 7.07
N LEU A 187 -3.99 7.71 8.26
CA LEU A 187 -4.52 9.05 8.47
C LEU A 187 -3.35 10.02 8.59
N SER A 188 -3.27 10.95 7.66
CA SER A 188 -2.23 11.98 7.67
C SER A 188 -2.87 13.32 8.02
N PHE A 189 -2.34 13.97 9.05
CA PHE A 189 -2.91 15.20 9.57
C PHE A 189 -2.06 16.38 9.10
N GLU A 190 -2.69 17.29 8.35
CA GLU A 190 -2.02 18.46 7.80
C GLU A 190 -2.56 19.71 8.49
N LEU A 191 -1.66 20.49 9.07
CA LEU A 191 -2.00 21.73 9.77
C LEU A 191 -1.14 22.85 9.20
N LEU A 192 -1.70 23.58 8.25
CA LEU A 192 -1.01 24.71 7.64
C LEU A 192 -1.39 26.01 8.35
N HIS A 193 -0.86 27.12 7.87
CA HIS A 193 -1.21 28.42 8.40
C HIS A 193 -2.66 28.80 8.13
N ALA A 194 -3.33 28.10 7.21
CA ALA A 194 -4.75 28.34 6.97
C ALA A 194 -5.56 27.93 8.19
N PRO A 195 -6.73 28.53 8.39
CA PRO A 195 -7.55 28.18 9.55
C PRO A 195 -7.92 26.69 9.54
N ALA A 196 -7.90 26.10 10.72
CA ALA A 196 -8.19 24.68 10.86
C ALA A 196 -9.69 24.44 10.89
N THR A 197 -10.13 23.36 10.24
CA THR A 197 -11.55 23.08 10.11
C THR A 197 -11.91 21.62 10.39
N VAL A 198 -10.98 20.82 10.90
CA VAL A 198 -11.24 19.41 11.19
C VAL A 198 -11.10 19.17 12.69
N CYS A 199 -11.47 20.16 13.49
CA CYS A 199 -11.35 20.05 14.94
C CYS A 199 -12.13 18.84 15.47
N GLY A 200 -11.71 18.35 16.64
CA GLY A 200 -12.36 17.22 17.26
C GLY A 200 -13.74 17.54 17.80
N VAL B 2 22.22 -15.69 -21.74
CA VAL B 2 22.80 -14.92 -20.63
C VAL B 2 24.07 -15.60 -20.12
N GLN B 3 25.00 -14.78 -19.65
CA GLN B 3 26.30 -15.26 -19.18
C GLN B 3 26.71 -14.42 -17.99
N LEU B 4 26.94 -15.07 -16.84
CA LEU B 4 27.43 -14.41 -15.64
C LEU B 4 28.82 -14.95 -15.35
N VAL B 5 29.80 -14.05 -15.22
CA VAL B 5 31.20 -14.44 -15.00
C VAL B 5 31.70 -13.72 -13.75
N GLU B 6 32.05 -14.50 -12.74
CA GLU B 6 32.61 -13.96 -11.50
C GLU B 6 34.11 -13.81 -11.62
N SER B 7 34.63 -12.79 -10.95
CA SER B 7 36.06 -12.50 -10.95
C SER B 7 36.40 -11.67 -9.72
N GLY B 8 37.68 -11.44 -9.50
CA GLY B 8 38.11 -10.63 -8.38
C GLY B 8 38.29 -11.39 -7.08
N GLY B 9 38.21 -12.72 -7.09
CA GLY B 9 38.44 -13.50 -5.90
C GLY B 9 39.91 -13.71 -5.60
N GLY B 10 40.26 -14.90 -5.13
CA GLY B 10 41.65 -15.23 -4.84
C GLY B 10 41.86 -15.49 -3.35
N LEU B 11 43.05 -15.15 -2.88
CA LEU B 11 43.44 -15.33 -1.49
C LEU B 11 43.75 -13.99 -0.86
N VAL B 12 43.28 -13.80 0.38
CA VAL B 12 43.44 -12.55 1.09
C VAL B 12 43.74 -12.84 2.56
N GLN B 13 44.56 -11.99 3.17
CA GLN B 13 44.87 -12.11 4.58
C GLN B 13 43.62 -11.84 5.42
N PRO B 14 43.54 -12.41 6.62
CA PRO B 14 42.41 -12.10 7.50
C PRO B 14 42.35 -10.61 7.83
N GLY B 15 41.13 -10.08 7.84
CA GLY B 15 40.92 -8.66 8.06
C GLY B 15 41.04 -7.81 6.81
N GLY B 16 41.35 -8.42 5.66
CA GLY B 16 41.48 -7.66 4.43
C GLY B 16 40.15 -7.43 3.74
N SER B 17 40.21 -6.66 2.64
CA SER B 17 39.04 -6.30 1.86
C SER B 17 39.23 -6.79 0.43
N LEU B 18 38.18 -7.37 -0.14
CA LEU B 18 38.21 -7.92 -1.48
C LEU B 18 36.95 -7.52 -2.23
N ARG B 19 37.10 -7.14 -3.50
CA ARG B 19 35.98 -6.69 -4.32
C ARG B 19 35.72 -7.74 -5.40
N LEU B 20 34.61 -8.46 -5.27
CA LEU B 20 34.20 -9.43 -6.26
C LEU B 20 33.39 -8.72 -7.35
N SER B 21 33.68 -9.05 -8.60
CA SER B 21 32.95 -8.51 -9.74
C SER B 21 32.20 -9.65 -10.43
N CYS B 22 31.11 -9.29 -11.09
CA CYS B 22 30.26 -10.25 -11.80
C CYS B 22 29.83 -9.59 -13.10
N GLU B 23 30.50 -9.94 -14.19
CA GLU B 23 30.15 -9.42 -15.50
C GLU B 23 28.93 -10.17 -16.04
N VAL B 24 28.02 -9.42 -16.66
CA VAL B 24 26.72 -9.93 -17.05
C VAL B 24 26.49 -9.65 -18.54
N SER B 25 26.02 -10.66 -19.26
CA SER B 25 25.58 -10.50 -20.64
C SER B 25 24.19 -11.09 -20.78
N GLY B 26 23.31 -10.38 -21.50
CA GLY B 26 21.98 -10.85 -21.76
C GLY B 26 20.88 -10.15 -21.00
N PHE B 27 21.21 -9.39 -19.96
CA PHE B 27 20.20 -8.59 -19.28
C PHE B 27 20.90 -7.42 -18.59
N THR B 28 20.10 -6.38 -18.30
CA THR B 28 20.63 -5.18 -17.66
C THR B 28 20.69 -5.38 -16.16
N VAL B 29 21.86 -5.09 -15.57
CA VAL B 29 22.05 -5.30 -14.14
C VAL B 29 21.24 -4.28 -13.34
N THR B 30 21.19 -3.05 -13.81
CA THR B 30 20.61 -1.95 -13.03
C THR B 30 19.11 -2.08 -12.81
N VAL B 31 18.43 -2.99 -13.50
CA VAL B 31 16.98 -3.08 -13.40
C VAL B 31 16.54 -4.50 -13.04
N ASN B 32 17.39 -5.25 -12.36
CA ASN B 32 17.10 -6.64 -12.03
C ASN B 32 17.45 -6.93 -10.57
N TYR B 33 16.74 -7.91 -10.00
CA TYR B 33 17.11 -8.45 -8.70
C TYR B 33 18.36 -9.30 -8.85
N MET B 34 19.36 -9.07 -7.98
CA MET B 34 20.63 -9.78 -8.06
C MET B 34 21.05 -10.24 -6.68
N THR B 35 21.39 -11.52 -6.54
CA THR B 35 21.79 -12.07 -5.26
C THR B 35 23.22 -12.61 -5.32
N TRP B 36 23.91 -12.50 -4.19
CA TRP B 36 25.19 -13.16 -3.96
C TRP B 36 24.96 -14.26 -2.93
N VAL B 37 25.32 -15.49 -3.29
CA VAL B 37 25.15 -16.66 -2.44
C VAL B 37 26.48 -17.39 -2.35
N ARG B 38 26.91 -17.73 -1.14
CA ARG B 38 28.20 -18.39 -0.95
C ARG B 38 27.99 -19.82 -0.46
N GLN B 39 28.99 -20.65 -0.74
CA GLN B 39 29.02 -22.04 -0.29
C GLN B 39 30.40 -22.34 0.23
N ALA B 40 30.49 -22.68 1.52
CA ALA B 40 31.75 -23.04 2.13
C ALA B 40 32.21 -24.42 1.61
N PRO B 41 33.52 -24.65 1.51
CA PRO B 41 34.00 -25.94 1.03
C PRO B 41 33.57 -27.09 1.93
N GLY B 42 32.76 -27.99 1.38
CA GLY B 42 32.22 -29.10 2.14
C GLY B 42 30.91 -28.83 2.83
N GLN B 43 30.43 -27.59 2.81
CA GLN B 43 29.19 -27.19 3.46
C GLN B 43 28.13 -26.89 2.42
N GLY B 44 26.96 -26.45 2.89
CA GLY B 44 25.85 -26.12 2.02
C GLY B 44 25.85 -24.68 1.57
N LEU B 45 24.82 -24.33 0.82
CA LEU B 45 24.65 -22.98 0.31
C LEU B 45 24.19 -22.03 1.42
N GLU B 46 24.53 -20.76 1.26
CA GLU B 46 24.17 -19.75 2.25
C GLU B 46 24.00 -18.41 1.55
N TRP B 47 22.80 -17.85 1.64
CA TRP B 47 22.53 -16.55 1.04
C TRP B 47 23.33 -15.47 1.76
N VAL B 48 23.91 -14.56 0.99
CA VAL B 48 24.79 -13.52 1.50
C VAL B 48 24.19 -12.14 1.31
N ALA B 49 23.82 -11.80 0.08
CA ALA B 49 23.35 -10.44 -0.19
C ALA B 49 22.32 -10.46 -1.31
N MET B 50 21.52 -9.39 -1.36
CA MET B 50 20.48 -9.25 -2.37
C MET B 50 20.30 -7.77 -2.68
N ILE B 51 20.00 -7.46 -3.93
CA ILE B 51 19.69 -6.10 -4.35
C ILE B 51 18.46 -6.14 -5.26
N TYR B 52 17.55 -5.19 -5.04
CA TYR B 52 16.27 -5.15 -5.73
C TYR B 52 16.39 -4.40 -7.05
N SER B 53 15.26 -4.30 -7.76
CA SER B 53 15.24 -3.52 -8.99
C SER B 53 15.47 -2.04 -8.73
N GLY B 54 14.91 -1.51 -7.65
CA GLY B 54 15.05 -0.11 -7.31
C GLY B 54 16.33 0.26 -6.59
N GLY B 55 17.10 -0.73 -6.14
CA GLY B 55 18.37 -0.47 -5.49
C GLY B 55 18.43 -0.83 -4.02
N SER B 56 17.32 -1.28 -3.43
CA SER B 56 17.33 -1.65 -2.02
C SER B 56 18.19 -2.89 -1.81
N THR B 57 19.05 -2.84 -0.79
CA THR B 57 20.00 -3.90 -0.51
C THR B 57 19.66 -4.58 0.81
N PHE B 58 19.85 -5.89 0.85
CA PHE B 58 19.61 -6.70 2.04
C PHE B 58 20.77 -7.66 2.23
N TYR B 59 21.18 -7.86 3.49
CA TYR B 59 22.34 -8.67 3.81
C TYR B 59 21.99 -9.68 4.89
N ALA B 60 22.80 -10.73 4.96
CA ALA B 60 22.67 -11.70 6.03
C ALA B 60 23.17 -11.12 7.35
N ASP B 61 22.70 -11.69 8.45
CA ASP B 61 23.11 -11.22 9.77
C ASP B 61 24.60 -11.41 9.99
N SER B 62 25.15 -12.53 9.52
CA SER B 62 26.56 -12.84 9.70
C SER B 62 27.48 -11.98 8.85
N VAL B 63 26.94 -11.23 7.88
CA VAL B 63 27.74 -10.40 7.00
C VAL B 63 27.33 -8.93 7.04
N LYS B 64 26.28 -8.59 7.77
CA LYS B 64 25.79 -7.22 7.79
C LYS B 64 26.83 -6.29 8.41
N GLY B 65 27.02 -5.13 7.78
CA GLY B 65 28.02 -4.18 8.21
C GLY B 65 29.40 -4.41 7.66
N ARG B 66 29.62 -5.50 6.95
CA ARG B 66 30.92 -5.81 6.36
C ARG B 66 30.86 -5.98 4.85
N PHE B 67 29.80 -6.57 4.32
CA PHE B 67 29.64 -6.75 2.89
C PHE B 67 28.71 -5.67 2.33
N THR B 68 28.94 -5.31 1.07
CA THR B 68 28.14 -4.29 0.40
C THR B 68 27.96 -4.68 -1.06
N ILE B 69 26.71 -4.85 -1.48
CA ILE B 69 26.37 -5.22 -2.85
C ILE B 69 25.98 -3.97 -3.61
N SER B 70 26.52 -3.81 -4.81
CA SER B 70 26.25 -2.64 -5.64
C SER B 70 26.22 -3.06 -7.11
N ARG B 71 25.89 -2.10 -7.97
CA ARG B 71 25.74 -2.37 -9.40
C ARG B 71 26.46 -1.27 -10.18
N HIS B 72 26.81 -1.59 -11.42
CA HIS B 72 27.47 -0.63 -12.31
C HIS B 72 26.81 -0.76 -13.68
N ASN B 73 26.12 0.29 -14.11
CA ASN B 73 25.42 0.26 -15.40
C ASN B 73 26.37 0.43 -16.58
N SER B 74 27.42 1.24 -16.41
CA SER B 74 28.33 1.50 -17.53
C SER B 74 29.00 0.22 -17.99
N LYS B 75 29.45 -0.61 -17.06
CA LYS B 75 30.03 -1.91 -17.39
C LYS B 75 29.04 -3.05 -17.23
N ASN B 76 27.83 -2.78 -16.74
CA ASN B 76 26.80 -3.79 -16.55
C ASN B 76 27.30 -4.93 -15.66
N THR B 77 27.93 -4.56 -14.55
CA THR B 77 28.57 -5.52 -13.66
C THR B 77 28.02 -5.40 -12.25
N LEU B 78 27.77 -6.53 -11.62
CA LEU B 78 27.44 -6.57 -10.20
C LEU B 78 28.73 -6.57 -9.38
N PHE B 79 28.68 -5.93 -8.21
CA PHE B 79 29.86 -5.80 -7.36
C PHE B 79 29.51 -6.20 -5.94
N LEU B 80 30.46 -6.86 -5.27
CA LEU B 80 30.33 -7.19 -3.85
C LEU B 80 31.63 -6.84 -3.16
N GLN B 81 31.60 -5.81 -2.31
CA GLN B 81 32.78 -5.39 -1.56
C GLN B 81 32.73 -6.06 -0.18
N MET B 82 33.82 -6.72 0.20
CA MET B 82 33.91 -7.45 1.45
C MET B 82 35.01 -6.84 2.30
N ASN B 83 34.65 -6.35 3.48
CA ASN B 83 35.59 -5.77 4.43
C ASN B 83 35.59 -6.59 5.72
N SER B 84 36.71 -6.52 6.43
CA SER B 84 36.90 -7.24 7.69
C SER B 84 36.64 -8.73 7.50
N LEU B 85 37.32 -9.32 6.52
CA LEU B 85 37.11 -10.72 6.18
C LEU B 85 37.60 -11.63 7.31
N ARG B 86 36.91 -12.75 7.48
CA ARG B 86 37.12 -13.72 8.53
C ARG B 86 37.37 -15.10 7.94
N PRO B 87 38.00 -16.01 8.68
CA PRO B 87 38.28 -17.35 8.14
C PRO B 87 37.02 -18.09 7.70
N GLU B 88 35.87 -17.85 8.33
CA GLU B 88 34.64 -18.51 7.91
C GLU B 88 34.10 -17.96 6.60
N ASP B 89 34.66 -16.87 6.08
CA ASP B 89 34.25 -16.32 4.79
C ASP B 89 34.91 -17.01 3.61
N THR B 90 35.84 -17.93 3.85
CA THR B 90 36.47 -18.68 2.77
C THR B 90 35.45 -19.62 2.14
N ALA B 91 35.08 -19.36 0.89
CA ALA B 91 33.99 -20.07 0.24
C ALA B 91 33.98 -19.73 -1.24
N VAL B 92 33.06 -20.35 -1.98
CA VAL B 92 32.81 -20.05 -3.38
C VAL B 92 31.56 -19.18 -3.47
N TYR B 93 31.68 -18.04 -4.12
CA TYR B 93 30.60 -17.06 -4.23
C TYR B 93 30.02 -17.07 -5.63
N TYR B 94 28.68 -17.10 -5.71
CA TYR B 94 27.96 -17.08 -6.97
C TYR B 94 27.07 -15.84 -7.02
N CYS B 95 27.09 -15.15 -8.16
CA CYS B 95 26.13 -14.10 -8.45
C CYS B 95 25.02 -14.69 -9.30
N ALA B 96 23.77 -14.43 -8.91
CA ALA B 96 22.63 -15.02 -9.56
C ALA B 96 21.56 -13.96 -9.80
N ARG B 97 20.76 -14.19 -10.84
CA ARG B 97 19.55 -13.41 -11.08
C ARG B 97 18.37 -14.27 -10.65
N PRO B 98 17.91 -14.13 -9.40
CA PRO B 98 16.92 -15.05 -8.87
C PRO B 98 15.56 -14.90 -9.55
N ILE B 99 14.78 -15.97 -9.46
CA ILE B 99 13.42 -15.94 -9.99
C ILE B 99 12.53 -15.13 -9.07
N VAL B 100 11.86 -14.12 -9.62
CA VAL B 100 11.02 -13.21 -8.85
C VAL B 100 9.60 -13.33 -9.36
N GLY B 101 8.65 -13.57 -8.45
CA GLY B 101 7.27 -13.69 -8.83
C GLY B 101 6.90 -14.98 -9.53
N GLY B 102 7.77 -15.98 -9.50
CA GLY B 102 7.48 -17.23 -10.18
C GLY B 102 7.44 -17.11 -11.68
N ILE B 103 8.38 -16.39 -12.27
CA ILE B 103 8.46 -16.21 -13.72
C ILE B 103 9.49 -17.18 -14.25
N ALA B 104 9.04 -18.18 -15.00
CA ALA B 104 9.91 -19.24 -15.48
C ALA B 104 10.92 -18.70 -16.50
N GLY B 105 12.09 -19.32 -16.52
CA GLY B 105 13.15 -18.91 -17.41
C GLY B 105 13.96 -17.72 -16.94
N MET B 106 13.72 -17.23 -15.73
CA MET B 106 14.37 -16.03 -15.23
C MET B 106 15.64 -16.33 -14.45
N ASP B 107 15.72 -17.50 -13.81
CA ASP B 107 16.83 -17.82 -12.92
C ASP B 107 18.07 -18.19 -13.71
N VAL B 108 19.22 -17.61 -13.32
CA VAL B 108 20.50 -17.91 -13.95
C VAL B 108 21.62 -17.61 -12.95
N TRP B 109 22.52 -18.56 -12.79
CA TRP B 109 23.64 -18.46 -11.85
C TRP B 109 24.95 -18.29 -12.61
N GLY B 110 25.94 -17.73 -11.91
CA GLY B 110 27.28 -17.59 -12.45
C GLY B 110 28.14 -18.82 -12.19
N LEU B 111 29.38 -18.74 -12.64
CA LEU B 111 30.31 -19.86 -12.47
C LEU B 111 30.82 -19.97 -11.04
N GLY B 112 31.04 -18.85 -10.36
CA GLY B 112 31.54 -18.86 -9.01
C GLY B 112 32.99 -18.45 -8.90
N THR B 113 33.33 -17.72 -7.83
CA THR B 113 34.70 -17.31 -7.58
C THR B 113 35.10 -17.77 -6.18
N THR B 114 36.34 -18.24 -6.05
CA THR B 114 36.82 -18.80 -4.80
C THR B 114 37.54 -17.73 -3.99
N VAL B 115 37.14 -17.57 -2.73
CA VAL B 115 37.74 -16.61 -1.81
C VAL B 115 38.32 -17.40 -0.65
N THR B 116 39.62 -17.20 -0.39
CA THR B 116 40.34 -17.90 0.68
C THR B 116 40.87 -16.87 1.66
N VAL B 117 40.31 -16.84 2.86
CA VAL B 117 40.73 -15.93 3.91
C VAL B 117 41.53 -16.74 4.92
N SER B 118 42.86 -16.62 4.85
CA SER B 118 43.73 -17.35 5.75
C SER B 118 45.08 -16.63 5.81
N SER B 119 45.84 -16.94 6.86
CA SER B 119 47.15 -16.35 7.05
C SER B 119 48.24 -17.41 7.00
N ALA C 1 15.22 -15.59 11.46
CA ALA C 1 15.42 -16.45 10.29
C ALA C 1 14.54 -17.68 10.36
N ILE C 2 14.18 -18.23 9.21
CA ILE C 2 13.34 -19.42 9.11
C ILE C 2 14.26 -20.60 8.86
N ARG C 3 14.27 -21.55 9.79
CA ARG C 3 15.14 -22.71 9.68
C ARG C 3 14.49 -23.78 8.82
N MET C 4 15.16 -24.18 7.75
CA MET C 4 14.69 -25.25 6.89
C MET C 4 15.39 -26.55 7.29
N THR C 5 14.59 -27.59 7.55
CA THR C 5 15.11 -28.89 7.95
C THR C 5 14.83 -29.87 6.81
N GLN C 6 15.83 -30.06 5.96
CA GLN C 6 15.71 -30.96 4.82
C GLN C 6 16.25 -32.34 5.19
N SER C 7 15.40 -33.36 5.02
CA SER C 7 15.76 -34.71 5.37
C SER C 7 15.33 -35.67 4.27
N PRO C 8 16.09 -36.75 4.03
CA PRO C 8 17.36 -37.11 4.66
C PRO C 8 18.55 -36.39 4.02
N SER C 9 19.72 -36.43 4.65
CA SER C 9 20.92 -35.84 4.06
C SER C 9 21.58 -36.75 3.03
N SER C 10 21.12 -37.99 2.90
CA SER C 10 21.64 -38.91 1.90
C SER C 10 20.64 -40.03 1.71
N LEU C 11 20.20 -40.22 0.46
CA LEU C 11 19.22 -41.26 0.10
C LEU C 11 19.69 -42.02 -1.14
N SER C 12 20.94 -42.50 -1.09
CA SER C 12 21.53 -43.23 -2.20
C SER C 12 20.63 -44.38 -2.65
N ALA C 13 20.40 -44.45 -3.96
CA ALA C 13 19.53 -45.47 -4.54
C ALA C 13 20.06 -45.82 -5.93
N SER C 14 19.28 -46.64 -6.64
CA SER C 14 19.64 -47.08 -7.98
C SER C 14 18.83 -46.34 -9.04
N VAL C 15 19.26 -46.50 -10.29
CA VAL C 15 18.58 -45.84 -11.40
C VAL C 15 17.21 -46.47 -11.61
N GLY C 16 16.18 -45.63 -11.69
CA GLY C 16 14.82 -46.08 -11.91
C GLY C 16 13.93 -46.05 -10.69
N ASP C 17 14.49 -45.86 -9.50
CA ASP C 17 13.71 -45.84 -8.28
C ASP C 17 13.08 -44.47 -8.06
N ARG C 18 12.19 -44.39 -7.06
CA ARG C 18 11.56 -43.14 -6.69
C ARG C 18 12.33 -42.46 -5.58
N ILE C 19 12.38 -41.13 -5.63
CA ILE C 19 13.10 -40.31 -4.66
C ILE C 19 12.10 -39.41 -3.95
N THR C 20 12.23 -39.29 -2.63
CA THR C 20 11.36 -38.44 -1.83
C THR C 20 12.23 -37.64 -0.86
N ILE C 21 12.20 -36.31 -1.01
CA ILE C 21 12.93 -35.40 -0.14
C ILE C 21 11.92 -34.51 0.56
N THR C 22 12.02 -34.42 1.88
CA THR C 22 11.09 -33.64 2.70
C THR C 22 11.81 -32.45 3.29
N CYS C 23 11.18 -31.28 3.18
CA CYS C 23 11.70 -30.03 3.72
C CYS C 23 10.66 -29.45 4.67
N GLN C 24 11.12 -28.95 5.82
CA GLN C 24 10.23 -28.41 6.84
C GLN C 24 10.68 -26.99 7.20
N ALA C 25 9.73 -26.07 7.19
CA ALA C 25 9.99 -24.69 7.58
C ALA C 25 9.56 -24.46 9.02
N SER C 26 10.38 -23.71 9.77
CA SER C 26 10.05 -23.40 11.15
C SER C 26 8.78 -22.55 11.23
N GLN C 27 8.68 -21.55 10.35
CA GLN C 27 7.51 -20.68 10.28
C GLN C 27 6.64 -21.10 9.11
N ASP C 28 5.65 -20.28 8.79
CA ASP C 28 4.81 -20.50 7.62
C ASP C 28 5.35 -19.67 6.46
N ILE C 29 5.66 -20.34 5.35
CA ILE C 29 6.20 -19.68 4.17
C ILE C 29 5.25 -19.77 2.99
N ASN C 30 4.00 -20.21 3.22
CA ASN C 30 2.97 -20.34 2.19
C ASN C 30 3.48 -21.35 1.15
N LYS C 31 3.60 -20.99 -0.12
CA LYS C 31 4.06 -21.91 -1.16
C LYS C 31 5.40 -21.52 -1.73
N TYR C 32 6.09 -20.55 -1.13
CA TYR C 32 7.29 -19.96 -1.73
C TYR C 32 8.53 -20.75 -1.30
N LEU C 33 8.72 -21.90 -1.93
CA LEU C 33 9.90 -22.73 -1.72
C LEU C 33 10.46 -23.13 -3.09
N ASN C 34 11.78 -23.01 -3.23
CA ASN C 34 12.48 -23.35 -4.46
C ASN C 34 13.42 -24.51 -4.22
N TRP C 35 13.35 -25.51 -5.09
CA TRP C 35 14.24 -26.66 -5.05
C TRP C 35 15.31 -26.49 -6.13
N TYR C 36 16.57 -26.48 -5.69
CA TYR C 36 17.74 -26.30 -6.55
C TYR C 36 18.55 -27.59 -6.63
N GLN C 37 19.16 -27.80 -7.79
CA GLN C 37 20.05 -28.93 -8.03
C GLN C 37 21.45 -28.40 -8.31
N GLN C 38 22.46 -29.01 -7.68
CA GLN C 38 23.85 -28.62 -7.85
C GLN C 38 24.68 -29.85 -8.13
N LYS C 39 25.34 -29.86 -9.28
CA LYS C 39 26.33 -30.89 -9.58
C LYS C 39 27.62 -30.60 -8.81
N PRO C 40 28.44 -31.63 -8.57
CA PRO C 40 29.72 -31.41 -7.87
C PRO C 40 30.60 -30.43 -8.63
N GLY C 41 30.87 -29.29 -8.00
CA GLY C 41 31.71 -28.27 -8.59
C GLY C 41 31.02 -27.36 -9.58
N LYS C 42 29.71 -27.46 -9.74
CA LYS C 42 28.96 -26.63 -10.66
C LYS C 42 28.03 -25.70 -9.91
N ALA C 43 27.50 -24.71 -10.62
CA ALA C 43 26.55 -23.78 -10.03
C ALA C 43 25.20 -24.46 -9.81
N PRO C 44 24.48 -24.08 -8.76
CA PRO C 44 23.14 -24.65 -8.56
C PRO C 44 22.20 -24.26 -9.68
N LYS C 45 21.32 -25.19 -10.03
CA LYS C 45 20.35 -24.98 -11.10
C LYS C 45 18.95 -25.14 -10.54
N LEU C 46 18.09 -24.16 -10.82
CA LEU C 46 16.72 -24.18 -10.30
C LEU C 46 15.92 -25.28 -10.99
N LEU C 47 15.36 -26.18 -10.19
CA LEU C 47 14.51 -27.25 -10.70
C LEU C 47 13.02 -26.98 -10.44
N ILE C 48 12.67 -26.58 -9.22
CA ILE C 48 11.27 -26.38 -8.85
C ILE C 48 11.15 -25.00 -8.25
N TYR C 49 10.18 -24.22 -8.70
CA TYR C 49 9.88 -22.93 -8.08
C TYR C 49 8.45 -22.92 -7.57
N ASP C 50 8.26 -22.26 -6.41
CA ASP C 50 6.98 -22.21 -5.71
C ASP C 50 6.48 -23.61 -5.35
N ALA C 51 7.42 -24.55 -5.21
CA ALA C 51 7.20 -25.85 -4.58
C ALA C 51 6.39 -26.81 -5.43
N SER C 52 5.83 -26.36 -6.55
CA SER C 52 5.10 -27.27 -7.42
C SER C 52 5.24 -26.99 -8.91
N ASN C 53 6.04 -26.00 -9.32
CA ASN C 53 6.09 -25.58 -10.71
C ASN C 53 7.43 -25.94 -11.32
N LEU C 54 7.40 -26.74 -12.39
CA LEU C 54 8.62 -27.08 -13.10
C LEU C 54 9.19 -25.86 -13.80
N GLU C 55 10.52 -25.77 -13.82
CA GLU C 55 11.18 -24.67 -14.50
C GLU C 55 11.27 -24.94 -16.00
N THR C 56 11.73 -23.94 -16.74
CA THR C 56 11.81 -24.06 -18.19
C THR C 56 12.91 -25.03 -18.57
N GLY C 57 12.55 -26.05 -19.36
CA GLY C 57 13.50 -27.03 -19.85
C GLY C 57 13.82 -28.15 -18.89
N VAL C 58 13.29 -28.13 -17.68
CA VAL C 58 13.53 -29.18 -16.71
C VAL C 58 12.72 -30.41 -17.10
N PRO C 59 13.30 -31.62 -17.04
CA PRO C 59 12.53 -32.82 -17.36
C PRO C 59 11.34 -32.97 -16.43
N SER C 60 10.25 -33.51 -16.98
CA SER C 60 8.98 -33.62 -16.26
C SER C 60 9.03 -34.63 -15.13
N ARG C 61 10.07 -35.46 -15.04
CA ARG C 61 10.12 -36.46 -13.99
C ARG C 61 10.29 -35.84 -12.61
N PHE C 62 10.87 -34.65 -12.54
CA PHE C 62 10.93 -33.92 -11.28
C PHE C 62 9.56 -33.36 -10.95
N SER C 63 9.22 -33.35 -9.66
CA SER C 63 7.95 -32.80 -9.22
C SER C 63 8.09 -32.32 -7.79
N GLY C 64 7.17 -31.44 -7.40
CA GLY C 64 7.13 -30.94 -6.04
C GLY C 64 5.69 -30.83 -5.57
N SER C 65 5.53 -30.77 -4.24
CA SER C 65 4.22 -30.63 -3.66
C SER C 65 4.34 -30.07 -2.26
N GLY C 66 3.21 -29.60 -1.73
CA GLY C 66 3.13 -29.14 -0.36
C GLY C 66 2.99 -27.64 -0.25
N SER C 67 2.42 -27.20 0.87
CA SER C 67 2.29 -25.79 1.18
C SER C 67 2.25 -25.63 2.69
N GLY C 68 2.51 -24.40 3.14
CA GLY C 68 2.53 -24.14 4.57
C GLY C 68 3.91 -24.30 5.17
N THR C 69 4.16 -25.46 5.77
CA THR C 69 5.44 -25.75 6.41
C THR C 69 6.17 -26.95 5.83
N ASP C 70 5.44 -27.99 5.43
CA ASP C 70 6.03 -29.22 4.93
C ASP C 70 5.95 -29.27 3.41
N PHE C 71 7.06 -29.61 2.77
CA PHE C 71 7.13 -29.70 1.32
C PHE C 71 7.86 -30.98 0.92
N THR C 72 7.51 -31.50 -0.26
CA THR C 72 8.07 -32.74 -0.77
C THR C 72 8.60 -32.52 -2.18
N PHE C 73 9.76 -33.09 -2.45
CA PHE C 73 10.40 -33.06 -3.76
C PHE C 73 10.60 -34.50 -4.22
N THR C 74 10.03 -34.84 -5.38
CA THR C 74 9.97 -36.21 -5.85
C THR C 74 10.63 -36.33 -7.22
N ILE C 75 11.37 -37.41 -7.42
CA ILE C 75 11.89 -37.78 -8.73
C ILE C 75 11.19 -39.07 -9.13
N ASN C 76 10.39 -39.00 -10.21
CA ASN C 76 9.56 -40.13 -10.59
C ASN C 76 10.41 -41.34 -11.01
N SER C 77 11.46 -41.10 -11.78
CA SER C 77 12.34 -42.18 -12.24
C SER C 77 13.78 -41.68 -12.16
N LEU C 78 14.53 -42.17 -11.17
CA LEU C 78 15.91 -41.73 -10.99
C LEU C 78 16.75 -42.10 -12.20
N GLN C 79 17.65 -41.20 -12.58
CA GLN C 79 18.49 -41.34 -13.75
C GLN C 79 19.94 -41.04 -13.36
N PRO C 80 20.91 -41.56 -14.12
CA PRO C 80 22.31 -41.29 -13.79
C PRO C 80 22.66 -39.81 -13.79
N GLU C 81 22.01 -39.00 -14.61
CA GLU C 81 22.31 -37.57 -14.66
C GLU C 81 21.65 -36.81 -13.52
N ASP C 82 20.82 -37.47 -12.71
CA ASP C 82 20.20 -36.83 -11.55
C ASP C 82 21.04 -36.95 -10.28
N ILE C 83 22.24 -37.51 -10.37
CA ILE C 83 23.13 -37.69 -9.23
C ILE C 83 23.74 -36.33 -8.91
N ALA C 84 23.21 -35.65 -7.91
CA ALA C 84 23.67 -34.31 -7.54
C ALA C 84 23.20 -34.04 -6.11
N THR C 85 23.30 -32.77 -5.71
CA THR C 85 22.84 -32.33 -4.39
C THR C 85 21.60 -31.45 -4.58
N TYR C 86 20.57 -31.71 -3.77
CA TYR C 86 19.29 -31.01 -3.90
C TYR C 86 19.00 -30.22 -2.64
N TYR C 87 18.74 -28.93 -2.81
CA TYR C 87 18.49 -28.01 -1.70
C TYR C 87 17.08 -27.43 -1.80
N CYS C 88 16.49 -27.14 -0.64
CA CYS C 88 15.25 -26.39 -0.55
C CYS C 88 15.54 -25.03 0.07
N GLN C 89 14.94 -23.98 -0.51
CA GLN C 89 15.23 -22.61 -0.12
C GLN C 89 13.93 -21.82 -0.06
N GLN C 90 13.69 -21.15 1.06
CA GLN C 90 12.60 -20.19 1.14
C GLN C 90 13.14 -18.82 0.74
N HIS C 91 12.42 -18.15 -0.15
CA HIS C 91 12.93 -16.93 -0.76
C HIS C 91 12.11 -15.68 -0.50
N ASP C 92 10.94 -15.79 0.11
CA ASP C 92 10.07 -14.63 0.31
C ASP C 92 10.14 -14.07 1.72
N ASN C 93 11.07 -14.53 2.55
CA ASN C 93 11.26 -14.01 3.89
C ASN C 93 12.75 -13.72 4.08
N ILE C 94 13.10 -12.45 4.15
CA ILE C 94 14.49 -12.06 4.41
C ILE C 94 14.78 -12.24 5.90
N PRO C 95 15.85 -12.94 6.28
CA PRO C 95 16.92 -13.50 5.44
C PRO C 95 16.55 -14.80 4.71
N ILE C 96 17.07 -14.95 3.50
CA ILE C 96 16.81 -16.15 2.69
C ILE C 96 17.68 -17.29 3.20
N THR C 97 17.06 -18.42 3.50
CA THR C 97 17.74 -19.56 4.09
C THR C 97 17.55 -20.80 3.23
N PHE C 98 18.63 -21.54 3.04
CA PHE C 98 18.61 -22.81 2.32
C PHE C 98 18.45 -23.97 3.31
N GLY C 99 18.15 -25.14 2.75
CA GLY C 99 18.05 -26.34 3.55
C GLY C 99 19.41 -26.95 3.85
N GLN C 100 19.38 -28.05 4.60
CA GLN C 100 20.63 -28.74 4.94
C GLN C 100 21.33 -29.28 3.70
N GLY C 101 20.58 -29.85 2.79
CA GLY C 101 21.15 -30.48 1.61
C GLY C 101 20.95 -31.98 1.64
N THR C 102 20.83 -32.57 0.44
CA THR C 102 20.64 -34.00 0.28
C THR C 102 21.60 -34.51 -0.78
N ARG C 103 22.56 -35.34 -0.37
CA ARG C 103 23.54 -35.92 -1.28
C ARG C 103 22.97 -37.20 -1.86
N LEU C 104 22.67 -37.19 -3.16
CA LEU C 104 22.13 -38.35 -3.85
C LEU C 104 23.30 -39.14 -4.43
N GLU C 105 23.47 -40.37 -3.98
CA GLU C 105 24.53 -41.26 -4.44
C GLU C 105 23.93 -42.43 -5.21
N ILE C 106 24.81 -43.28 -5.74
CA ILE C 106 24.42 -44.45 -6.52
C ILE C 106 24.65 -45.69 -5.67
N LYS C 107 23.62 -46.52 -5.57
CA LYS C 107 23.70 -47.77 -4.82
C LYS C 107 23.90 -48.95 -5.76
N GLN D 1 -1.34 31.97 5.93
CA GLN D 1 -1.96 32.46 4.71
C GLN D 1 -1.18 32.05 3.48
N VAL D 2 -1.72 31.10 2.72
CA VAL D 2 -1.05 30.58 1.53
C VAL D 2 -1.27 31.53 0.37
N GLN D 3 -0.18 31.96 -0.25
CA GLN D 3 -0.24 32.85 -1.41
C GLN D 3 0.70 32.37 -2.49
N LEU D 4 0.26 32.48 -3.74
CA LEU D 4 1.04 32.09 -4.92
C LEU D 4 0.92 33.21 -5.93
N VAL D 5 2.03 33.91 -6.19
CA VAL D 5 2.03 35.10 -7.04
C VAL D 5 2.87 34.80 -8.27
N GLU D 6 2.25 34.88 -9.45
CA GLU D 6 2.95 34.67 -10.71
C GLU D 6 3.50 35.99 -11.24
N SER D 7 4.58 35.88 -12.01
CA SER D 7 5.21 37.05 -12.62
C SER D 7 6.02 36.59 -13.82
N GLY D 8 6.39 37.56 -14.65
CA GLY D 8 7.20 37.31 -15.83
C GLY D 8 6.45 37.31 -17.14
N GLY D 9 5.11 37.43 -17.11
CA GLY D 9 4.35 37.43 -18.33
C GLY D 9 4.53 38.72 -19.12
N GLY D 10 4.29 38.63 -20.42
CA GLY D 10 4.43 39.79 -21.27
C GLY D 10 4.29 39.41 -22.73
N VAL D 11 4.61 40.37 -23.59
CA VAL D 11 4.54 40.18 -25.03
C VAL D 11 5.84 39.55 -25.51
N VAL D 12 5.75 38.41 -26.18
CA VAL D 12 6.91 37.68 -26.66
C VAL D 12 6.65 37.24 -28.09
N GLN D 13 7.61 37.46 -28.98
CA GLN D 13 7.44 37.08 -30.38
C GLN D 13 7.42 35.56 -30.51
N PRO D 14 6.76 35.04 -31.55
CA PRO D 14 6.74 33.58 -31.75
C PRO D 14 8.14 33.03 -31.96
N GLY D 15 8.36 31.83 -31.43
CA GLY D 15 9.65 31.17 -31.53
C GLY D 15 10.66 31.56 -30.48
N ARG D 16 10.38 32.60 -29.70
CA ARG D 16 11.30 33.04 -28.64
C ARG D 16 11.04 32.22 -27.38
N SER D 17 11.60 32.66 -26.26
CA SER D 17 11.43 31.98 -24.99
C SER D 17 11.04 32.99 -23.91
N LEU D 18 10.34 32.49 -22.89
CA LEU D 18 9.91 33.31 -21.77
C LEU D 18 10.08 32.51 -20.48
N ARG D 19 10.12 33.20 -19.36
CA ARG D 19 10.27 32.55 -18.05
C ARG D 19 9.22 33.10 -17.10
N LEU D 20 8.36 32.22 -16.61
CA LEU D 20 7.35 32.58 -15.62
C LEU D 20 7.79 32.09 -14.25
N SER D 21 7.75 32.98 -13.26
CA SER D 21 8.18 32.66 -11.91
C SER D 21 7.00 32.82 -10.96
N CYS D 22 6.78 31.81 -10.13
CA CYS D 22 5.68 31.77 -9.17
C CYS D 22 6.29 31.74 -7.78
N ALA D 23 6.06 32.81 -7.02
CA ALA D 23 6.57 32.91 -5.65
C ALA D 23 5.52 32.42 -4.68
N ALA D 24 5.93 31.55 -3.77
CA ALA D 24 5.05 30.93 -2.78
C ALA D 24 5.30 31.51 -1.40
N SER D 25 4.24 31.61 -0.61
CA SER D 25 4.35 32.13 0.75
C SER D 25 3.27 31.51 1.62
N GLY D 26 3.54 31.47 2.92
CA GLY D 26 2.58 30.96 3.88
C GLY D 26 2.59 29.48 4.09
N PHE D 27 3.50 28.75 3.45
CA PHE D 27 3.57 27.30 3.63
C PHE D 27 4.97 26.84 3.25
N THR D 28 5.31 25.63 3.69
CA THR D 28 6.61 25.06 3.39
C THR D 28 6.67 24.64 1.93
N PHE D 29 7.17 25.54 1.07
CA PHE D 29 7.19 25.28 -0.36
C PHE D 29 8.10 24.11 -0.70
N SER D 30 9.15 23.88 0.10
CA SER D 30 10.18 22.91 -0.23
C SER D 30 9.68 21.47 -0.15
N THR D 31 8.47 21.23 0.38
CA THR D 31 7.98 19.88 0.56
C THR D 31 6.77 19.54 -0.29
N TYR D 32 6.18 20.49 -1.00
CA TYR D 32 4.94 20.28 -1.73
C TYR D 32 5.19 20.23 -3.24
N ALA D 33 4.38 19.43 -3.93
CA ALA D 33 4.38 19.39 -5.39
C ALA D 33 3.71 20.64 -5.94
N MET D 34 3.97 20.93 -7.21
CA MET D 34 3.48 22.16 -7.83
C MET D 34 2.98 21.90 -9.24
N HIS D 35 1.91 22.60 -9.61
CA HIS D 35 1.32 22.50 -10.94
C HIS D 35 1.39 23.85 -11.64
N TRP D 36 1.55 23.81 -12.96
CA TRP D 36 1.28 24.94 -13.83
C TRP D 36 0.07 24.60 -14.69
N VAL D 37 -0.93 25.49 -14.66
CA VAL D 37 -2.15 25.37 -15.45
C VAL D 37 -2.28 26.65 -16.26
N ARG D 38 -3.02 26.57 -17.37
CA ARG D 38 -3.23 27.74 -18.21
C ARG D 38 -4.63 27.72 -18.79
N GLN D 39 -5.10 28.91 -19.16
CA GLN D 39 -6.40 29.09 -19.80
C GLN D 39 -6.24 30.04 -20.98
N ALA D 40 -6.61 29.57 -22.17
CA ALA D 40 -6.57 30.40 -23.37
C ALA D 40 -7.75 31.36 -23.39
N PRO D 41 -7.61 32.50 -24.06
CA PRO D 41 -8.71 33.48 -24.09
C PRO D 41 -9.96 32.90 -24.74
N GLY D 42 -11.04 32.84 -23.96
CA GLY D 42 -12.30 32.33 -24.44
C GLY D 42 -12.45 30.83 -24.46
N LYS D 43 -11.44 30.09 -24.01
CA LYS D 43 -11.45 28.64 -24.02
C LYS D 43 -11.48 28.12 -22.58
N GLY D 44 -11.40 26.80 -22.46
CA GLY D 44 -11.41 26.14 -21.17
C GLY D 44 -10.05 26.15 -20.50
N LEU D 45 -9.96 25.43 -19.39
CA LEU D 45 -8.73 25.33 -18.62
C LEU D 45 -7.91 24.15 -19.12
N GLU D 46 -6.61 24.37 -19.28
CA GLU D 46 -5.69 23.35 -19.75
C GLU D 46 -4.56 23.19 -18.75
N TRP D 47 -4.35 21.96 -18.28
CA TRP D 47 -3.24 21.66 -17.39
C TRP D 47 -1.95 21.57 -18.18
N VAL D 48 -0.88 22.19 -17.67
CA VAL D 48 0.37 22.27 -18.40
C VAL D 48 1.39 21.28 -17.84
N ALA D 49 1.75 21.42 -16.57
CA ALA D 49 2.88 20.65 -16.05
C ALA D 49 2.74 20.44 -14.55
N VAL D 50 3.51 19.47 -14.04
CA VAL D 50 3.58 19.21 -12.61
C VAL D 50 5.02 18.84 -12.25
N LEU D 51 5.37 19.09 -10.99
CA LEU D 51 6.72 18.92 -10.48
C LEU D 51 6.67 18.44 -9.04
N SER D 52 7.55 17.51 -8.68
CA SER D 52 7.54 16.91 -7.35
C SER D 52 8.19 17.86 -6.34
N TYR D 53 8.28 17.39 -5.08
CA TYR D 53 8.74 18.27 -4.01
C TYR D 53 10.23 18.58 -4.14
N ASP D 54 11.03 17.60 -4.54
CA ASP D 54 12.46 17.81 -4.73
C ASP D 54 12.82 18.28 -6.13
N GLY D 55 11.86 18.32 -7.05
CA GLY D 55 12.12 18.70 -8.42
C GLY D 55 12.66 17.59 -9.31
N SER D 56 12.78 16.37 -8.79
CA SER D 56 13.38 15.28 -9.57
C SER D 56 12.45 14.81 -10.68
N ASN D 57 11.16 14.62 -10.37
CA ASN D 57 10.19 14.10 -11.32
C ASN D 57 9.39 15.24 -11.91
N LYS D 58 9.40 15.35 -13.23
CA LYS D 58 8.67 16.39 -13.96
C LYS D 58 7.73 15.73 -14.95
N TYR D 59 6.50 16.24 -15.02
CA TYR D 59 5.53 15.74 -15.98
C TYR D 59 4.93 16.90 -16.74
N TYR D 60 4.63 16.66 -18.02
CA TYR D 60 4.16 17.70 -18.92
C TYR D 60 2.91 17.24 -19.66
N ALA D 61 2.28 18.18 -20.33
CA ALA D 61 1.15 17.91 -21.21
C ALA D 61 1.64 17.72 -22.63
N ASP D 62 0.90 16.92 -23.40
CA ASP D 62 1.32 16.60 -24.76
C ASP D 62 1.46 17.85 -25.61
N SER D 63 0.59 18.84 -25.40
CA SER D 63 0.67 20.07 -26.17
C SER D 63 1.93 20.86 -25.89
N VAL D 64 2.58 20.60 -24.75
CA VAL D 64 3.79 21.32 -24.37
C VAL D 64 4.98 20.40 -24.12
N LYS D 65 4.78 19.08 -24.12
CA LYS D 65 5.88 18.17 -23.80
C LYS D 65 6.99 18.28 -24.83
N GLY D 66 8.22 18.37 -24.34
CA GLY D 66 9.37 18.61 -25.20
C GLY D 66 9.55 20.05 -25.62
N ARG D 67 8.74 20.96 -25.08
CA ARG D 67 8.79 22.36 -25.49
C ARG D 67 8.92 23.28 -24.29
N PHE D 68 8.30 22.90 -23.17
CA PHE D 68 8.39 23.64 -21.92
C PHE D 68 9.26 22.87 -20.92
N THR D 69 9.74 23.58 -19.91
CA THR D 69 10.55 22.97 -18.85
C THR D 69 10.12 23.55 -17.51
N ILE D 70 9.77 22.69 -16.57
CA ILE D 70 9.32 23.11 -15.24
C ILE D 70 10.41 22.80 -14.23
N SER D 71 10.76 23.77 -13.39
CA SER D 71 11.78 23.59 -12.37
C SER D 71 11.37 24.36 -11.12
N ARG D 72 12.13 24.20 -10.05
CA ARG D 72 11.81 24.89 -8.81
C ARG D 72 13.09 25.19 -8.04
N ASP D 73 12.99 26.17 -7.15
CA ASP D 73 14.10 26.58 -6.28
C ASP D 73 13.52 26.64 -4.86
N ASN D 74 13.83 25.62 -4.05
CA ASN D 74 13.31 25.56 -2.70
C ASN D 74 13.99 26.56 -1.77
N SER D 75 15.26 26.88 -2.04
CA SER D 75 15.94 27.91 -1.27
C SER D 75 15.27 29.26 -1.45
N LYS D 76 14.89 29.59 -2.70
CA LYS D 76 14.20 30.84 -2.98
C LYS D 76 12.69 30.74 -2.87
N ASN D 77 12.15 29.53 -2.67
CA ASN D 77 10.70 29.31 -2.61
C ASN D 77 10.01 29.81 -3.88
N THR D 78 10.49 29.32 -5.03
CA THR D 78 9.93 29.75 -6.30
C THR D 78 9.76 28.54 -7.22
N LEU D 79 8.84 28.69 -8.17
CA LEU D 79 8.56 27.68 -9.18
C LEU D 79 8.68 28.33 -10.54
N TYR D 80 9.56 27.81 -11.40
CA TYR D 80 9.85 28.42 -12.68
C TYR D 80 9.32 27.56 -13.83
N LEU D 81 8.83 28.22 -14.87
CA LEU D 81 8.43 27.58 -16.11
C LEU D 81 9.14 28.29 -17.25
N GLN D 82 9.98 27.56 -17.98
CA GLN D 82 10.69 28.07 -19.14
C GLN D 82 9.95 27.61 -20.39
N MET D 83 9.55 28.57 -21.21
CA MET D 83 8.76 28.33 -22.41
C MET D 83 9.62 28.65 -23.63
N ASN D 84 10.06 27.62 -24.33
CA ASN D 84 10.83 27.75 -25.56
C ASN D 84 9.96 27.41 -26.76
N SER D 85 10.34 27.95 -27.91
CA SER D 85 9.64 27.71 -29.18
C SER D 85 8.15 27.97 -29.04
N LEU D 86 7.83 29.23 -28.73
CA LEU D 86 6.45 29.61 -28.44
C LEU D 86 5.64 29.72 -29.73
N ARG D 87 4.46 29.13 -29.73
CA ARG D 87 3.50 29.24 -30.82
C ARG D 87 2.43 30.27 -30.46
N ALA D 88 1.54 30.54 -31.43
CA ALA D 88 0.43 31.43 -31.17
C ALA D 88 -0.60 30.82 -30.23
N GLU D 89 -0.59 29.50 -30.07
CA GLU D 89 -1.54 28.83 -29.18
C GLU D 89 -1.12 28.87 -27.71
N ASP D 90 0.07 29.38 -27.41
CA ASP D 90 0.53 29.50 -26.04
C ASP D 90 0.10 30.80 -25.37
N THR D 91 -0.55 31.70 -26.11
CA THR D 91 -1.07 32.94 -25.53
C THR D 91 -2.22 32.60 -24.61
N ALA D 92 -2.04 32.83 -23.31
CA ALA D 92 -3.02 32.39 -22.31
C ALA D 92 -2.65 33.03 -20.97
N VAL D 93 -3.49 32.76 -19.97
CA VAL D 93 -3.24 33.15 -18.59
C VAL D 93 -2.75 31.93 -17.83
N TYR D 94 -1.63 32.07 -17.14
CA TYR D 94 -0.97 30.96 -16.45
C TYR D 94 -1.13 31.11 -14.94
N TYR D 95 -1.54 30.04 -14.28
CA TYR D 95 -1.64 29.96 -12.84
C TYR D 95 -0.73 28.86 -12.32
N CYS D 96 -0.21 29.05 -11.11
CA CYS D 96 0.51 28.00 -10.41
C CYS D 96 -0.35 27.50 -9.26
N ALA D 97 -0.53 26.18 -9.20
CA ALA D 97 -1.39 25.56 -8.21
C ALA D 97 -0.57 24.74 -7.24
N LYS D 98 -0.93 24.80 -5.96
CA LYS D 98 -0.27 23.98 -4.95
C LYS D 98 -0.73 22.54 -5.09
N GLY D 99 0.21 21.61 -5.09
CA GLY D 99 -0.07 20.21 -5.30
C GLY D 99 -0.35 19.46 -4.02
N GLY D 100 -0.08 18.16 -4.06
CA GLY D 100 -0.26 17.30 -2.91
C GLY D 100 0.93 17.37 -1.98
N SER D 101 0.97 16.39 -1.06
CA SER D 101 1.90 16.46 0.07
C SER D 101 3.35 16.43 -0.41
N TYR D 102 3.82 15.27 -0.87
CA TYR D 102 5.22 15.15 -1.27
C TYR D 102 5.39 14.89 -2.76
N ALA D 103 4.76 13.83 -3.25
CA ALA D 103 4.78 13.47 -4.66
C ALA D 103 3.38 13.13 -5.12
N TYR D 104 2.40 13.84 -4.58
CA TYR D 104 1.00 13.71 -4.96
C TYR D 104 0.69 14.82 -5.95
N TYR D 105 0.58 14.46 -7.23
CA TYR D 105 0.37 15.44 -8.28
C TYR D 105 -1.12 15.71 -8.55
N TYR D 106 -2.01 15.12 -7.75
CA TYR D 106 -3.42 15.08 -8.06
C TYR D 106 -4.24 16.08 -7.25
N TYR D 107 -3.59 17.07 -6.64
CA TYR D 107 -4.29 18.09 -5.88
C TYR D 107 -3.93 19.47 -6.40
N MET D 108 -4.92 20.37 -6.41
CA MET D 108 -4.76 21.76 -6.83
C MET D 108 -5.44 22.68 -5.82
N ASP D 109 -5.11 22.49 -4.54
CA ASP D 109 -5.88 23.11 -3.47
C ASP D 109 -5.86 24.63 -3.56
N VAL D 110 -4.70 25.23 -3.82
CA VAL D 110 -4.54 26.67 -3.84
C VAL D 110 -4.04 27.08 -5.22
N TRP D 111 -4.77 27.98 -5.87
CA TRP D 111 -4.41 28.55 -7.16
C TRP D 111 -3.83 29.95 -6.99
N GLY D 112 -3.09 30.39 -7.99
CA GLY D 112 -2.58 31.75 -8.03
C GLY D 112 -3.50 32.69 -8.79
N LYS D 113 -3.08 33.95 -8.86
CA LYS D 113 -3.83 34.94 -9.63
C LYS D 113 -3.59 34.79 -11.12
N GLY D 114 -2.41 34.37 -11.53
CA GLY D 114 -2.12 34.14 -12.93
C GLY D 114 -1.52 35.36 -13.61
N THR D 115 -0.73 35.09 -14.64
CA THR D 115 -0.10 36.14 -15.45
C THR D 115 -0.39 35.88 -16.91
N THR D 116 -0.43 36.95 -17.70
CA THR D 116 -0.84 36.90 -19.10
C THR D 116 0.39 36.77 -19.99
N VAL D 117 0.33 35.85 -20.95
CA VAL D 117 1.39 35.65 -21.93
C VAL D 117 0.76 35.78 -23.31
N THR D 118 1.21 36.78 -24.07
CA THR D 118 0.68 37.06 -25.40
C THR D 118 1.80 36.83 -26.42
N VAL D 119 1.65 35.79 -27.24
CA VAL D 119 2.64 35.45 -28.25
C VAL D 119 2.16 36.02 -29.58
N SER D 120 2.72 37.16 -29.97
CA SER D 120 2.36 37.81 -31.21
C SER D 120 3.50 38.71 -31.64
N SER D 121 3.45 39.13 -32.90
CA SER D 121 4.46 40.03 -33.46
C SER D 121 3.91 41.44 -33.61
N ASP E 1 -5.28 9.59 -22.02
CA ASP E 1 -5.93 10.70 -21.33
C ASP E 1 -7.39 10.39 -21.06
N ILE E 2 -7.95 11.03 -20.04
CA ILE E 2 -9.34 10.81 -19.64
C ILE E 2 -10.17 11.98 -20.17
N GLN E 3 -11.22 11.67 -20.91
CA GLN E 3 -12.07 12.67 -21.53
C GLN E 3 -13.27 12.96 -20.65
N LEU E 4 -13.51 14.25 -20.40
CA LEU E 4 -14.65 14.70 -19.60
C LEU E 4 -15.62 15.44 -20.50
N THR E 5 -16.89 14.99 -20.50
CA THR E 5 -17.94 15.60 -21.30
C THR E 5 -18.99 16.18 -20.38
N GLN E 6 -19.28 17.47 -20.55
CA GLN E 6 -20.27 18.17 -19.76
C GLN E 6 -21.57 18.32 -20.54
N SER E 7 -22.69 18.27 -19.81
CA SER E 7 -24.00 18.41 -20.41
C SER E 7 -24.90 19.19 -19.45
N PRO E 8 -25.51 20.30 -19.89
CA PRO E 8 -25.39 20.92 -21.21
C PRO E 8 -24.19 21.85 -21.30
N SER E 9 -23.80 22.27 -22.49
CA SER E 9 -22.70 23.22 -22.62
C SER E 9 -23.10 24.63 -22.20
N SER E 10 -24.39 24.89 -22.09
CA SER E 10 -24.89 26.18 -21.65
C SER E 10 -26.38 26.05 -21.36
N LEU E 11 -26.82 26.61 -20.23
CA LEU E 11 -28.21 26.54 -19.84
C LEU E 11 -28.59 27.84 -19.13
N SER E 12 -29.88 28.18 -19.20
CA SER E 12 -30.42 29.36 -18.55
C SER E 12 -31.62 28.95 -17.71
N ALA E 13 -31.72 29.51 -16.51
CA ALA E 13 -32.80 29.19 -15.61
C ALA E 13 -33.17 30.43 -14.79
N SER E 14 -34.39 30.44 -14.29
CA SER E 14 -34.87 31.53 -13.45
C SER E 14 -34.27 31.43 -12.05
N VAL E 15 -34.22 32.57 -11.37
CA VAL E 15 -33.70 32.60 -10.01
C VAL E 15 -34.59 31.76 -9.10
N GLY E 16 -33.96 30.85 -8.35
CA GLY E 16 -34.67 29.93 -7.49
C GLY E 16 -34.87 28.54 -8.07
N ASP E 17 -34.59 28.36 -9.36
CA ASP E 17 -34.75 27.05 -9.99
C ASP E 17 -33.57 26.15 -9.68
N ARG E 18 -33.75 24.86 -9.97
CA ARG E 18 -32.74 23.85 -9.72
C ARG E 18 -31.93 23.62 -11.00
N VAL E 19 -30.65 24.00 -10.97
CA VAL E 19 -29.76 23.85 -12.11
C VAL E 19 -28.97 22.56 -11.96
N THR E 20 -28.95 21.75 -13.01
CA THR E 20 -28.29 20.43 -12.98
C THR E 20 -27.33 20.32 -14.15
N ILE E 21 -26.07 20.01 -13.84
CA ILE E 21 -25.04 19.74 -14.84
C ILE E 21 -24.56 18.31 -14.65
N THR E 22 -24.16 17.67 -15.75
CA THR E 22 -23.64 16.32 -15.69
C THR E 22 -22.26 16.28 -16.33
N CYS E 23 -21.40 15.45 -15.76
CA CYS E 23 -20.03 15.26 -16.25
C CYS E 23 -19.79 13.77 -16.38
N GLN E 24 -19.38 13.33 -17.57
CA GLN E 24 -19.12 11.92 -17.83
C GLN E 24 -17.66 11.75 -18.23
N ALA E 25 -17.00 10.77 -17.61
CA ALA E 25 -15.60 10.48 -17.85
C ALA E 25 -15.44 9.26 -18.74
N SER E 26 -14.39 9.27 -19.56
CA SER E 26 -14.13 8.17 -20.47
C SER E 26 -13.73 6.89 -19.76
N GLN E 27 -13.38 6.95 -18.48
CA GLN E 27 -13.03 5.77 -17.72
C GLN E 27 -13.35 6.02 -16.25
N ASP E 28 -13.30 4.95 -15.46
CA ASP E 28 -13.59 5.06 -14.03
C ASP E 28 -12.53 5.91 -13.34
N ILE E 29 -12.99 6.90 -12.58
CA ILE E 29 -12.12 7.76 -11.80
C ILE E 29 -12.52 7.74 -10.32
N SER E 30 -13.22 6.70 -9.90
CA SER E 30 -13.71 6.57 -8.52
C SER E 30 -14.52 7.80 -8.12
N ASN E 31 -14.01 8.55 -7.15
CA ASN E 31 -14.64 9.79 -6.70
C ASN E 31 -13.68 10.97 -6.84
N TYR E 32 -12.82 10.93 -7.84
CA TYR E 32 -11.79 11.96 -8.02
C TYR E 32 -12.27 13.00 -9.03
N LEU E 33 -13.29 13.76 -8.62
CA LEU E 33 -13.81 14.83 -9.47
C LEU E 33 -13.98 16.11 -8.66
N ASN E 34 -13.43 17.20 -9.20
CA ASN E 34 -13.61 18.55 -8.67
C ASN E 34 -14.59 19.33 -9.55
N TRP E 35 -15.36 20.20 -8.91
CA TRP E 35 -16.24 21.13 -9.59
C TRP E 35 -15.79 22.54 -9.27
N TYR E 36 -15.45 23.30 -10.31
CA TYR E 36 -14.96 24.67 -10.22
C TYR E 36 -16.00 25.64 -10.77
N GLN E 37 -16.03 26.83 -10.18
CA GLN E 37 -16.84 27.94 -10.68
C GLN E 37 -15.92 29.10 -11.01
N GLN E 38 -16.03 29.62 -12.23
CA GLN E 38 -15.18 30.70 -12.69
C GLN E 38 -16.06 31.83 -13.23
N LYS E 39 -15.96 32.99 -12.62
CA LYS E 39 -16.55 34.21 -13.12
C LYS E 39 -15.60 34.90 -14.08
N PRO E 40 -16.11 35.69 -15.02
CA PRO E 40 -15.22 36.31 -16.03
C PRO E 40 -14.22 37.26 -15.40
N GLY E 41 -12.93 36.97 -15.62
CA GLY E 41 -11.83 37.80 -15.15
C GLY E 41 -11.10 37.24 -13.95
N LYS E 42 -11.76 36.39 -13.18
CA LYS E 42 -11.19 35.85 -11.94
C LYS E 42 -10.72 34.41 -12.15
N ALA E 43 -9.84 33.97 -11.25
CA ALA E 43 -9.33 32.62 -11.28
C ALA E 43 -10.43 31.63 -10.90
N PRO E 44 -10.33 30.39 -11.34
CA PRO E 44 -11.33 29.38 -10.95
C PRO E 44 -11.36 29.18 -9.44
N LYS E 45 -12.57 29.00 -8.91
CA LYS E 45 -12.78 28.78 -7.49
C LYS E 45 -13.29 27.36 -7.29
N LEU E 46 -12.61 26.60 -6.45
CA LEU E 46 -13.01 25.22 -6.19
C LEU E 46 -14.24 25.19 -5.30
N LEU E 47 -15.35 24.70 -5.85
CA LEU E 47 -16.58 24.56 -5.09
C LEU E 47 -16.75 23.16 -4.50
N ILE E 48 -16.53 22.13 -5.30
CA ILE E 48 -16.78 20.75 -4.86
C ILE E 48 -15.50 19.95 -5.05
N TYR E 49 -15.14 19.17 -4.03
CA TYR E 49 -14.03 18.23 -4.13
C TYR E 49 -14.52 16.83 -3.76
N ASP E 50 -13.83 15.82 -4.30
CA ASP E 50 -14.19 14.42 -4.11
C ASP E 50 -15.62 14.12 -4.58
N ALA E 51 -16.15 14.96 -5.46
CA ALA E 51 -17.41 14.76 -6.18
C ALA E 51 -18.64 14.92 -5.29
N SER E 52 -18.46 15.03 -3.98
CA SER E 52 -19.60 15.24 -3.09
C SER E 52 -19.35 16.26 -1.98
N ASN E 53 -18.11 16.53 -1.59
CA ASN E 53 -17.85 17.36 -0.43
C ASN E 53 -17.66 18.81 -0.84
N LEU E 54 -18.19 19.72 -0.01
CA LEU E 54 -18.16 21.14 -0.29
C LEU E 54 -16.90 21.78 0.29
N GLU E 55 -16.29 22.65 -0.49
CA GLU E 55 -15.14 23.42 -0.02
C GLU E 55 -15.56 24.33 1.13
N THR E 56 -14.56 24.79 1.89
CA THR E 56 -14.82 25.68 3.02
C THR E 56 -15.49 26.97 2.55
N GLY E 57 -16.59 27.32 3.21
CA GLY E 57 -17.30 28.55 2.90
C GLY E 57 -18.26 28.47 1.73
N VAL E 58 -18.39 27.32 1.10
CA VAL E 58 -19.31 27.18 -0.02
C VAL E 58 -20.74 27.11 0.50
N PRO E 59 -21.67 27.87 -0.06
CA PRO E 59 -23.07 27.78 0.38
C PRO E 59 -23.63 26.39 0.18
N SER E 60 -24.56 26.01 1.06
CA SER E 60 -25.12 24.67 1.05
C SER E 60 -25.98 24.37 -0.16
N ARG E 61 -26.33 25.40 -0.96
CA ARG E 61 -27.14 25.15 -2.14
C ARG E 61 -26.37 24.36 -3.20
N PHE E 62 -25.07 24.60 -3.30
CA PHE E 62 -24.24 23.82 -4.22
C PHE E 62 -24.06 22.40 -3.69
N SER E 63 -24.24 21.41 -4.56
CA SER E 63 -24.07 20.02 -4.17
C SER E 63 -23.51 19.23 -5.34
N GLY E 64 -22.88 18.11 -5.02
CA GLY E 64 -22.36 17.21 -6.02
C GLY E 64 -22.75 15.78 -5.70
N GLY E 65 -22.57 14.91 -6.69
CA GLY E 65 -22.87 13.50 -6.46
C GLY E 65 -22.35 12.67 -7.61
N GLY E 66 -22.34 11.37 -7.38
CA GLY E 66 -21.93 10.42 -8.40
C GLY E 66 -20.61 9.76 -8.06
N SER E 67 -20.43 8.55 -8.58
CA SER E 67 -19.21 7.79 -8.40
C SER E 67 -19.03 6.86 -9.59
N GLY E 68 -17.79 6.78 -10.08
CA GLY E 68 -17.52 5.99 -11.26
C GLY E 68 -17.24 6.84 -12.47
N THR E 69 -18.17 6.88 -13.42
CA THR E 69 -18.02 7.68 -14.62
C THR E 69 -19.04 8.80 -14.76
N ASP E 70 -20.20 8.70 -14.10
CA ASP E 70 -21.24 9.71 -14.19
C ASP E 70 -21.28 10.54 -12.91
N PHE E 71 -21.23 11.86 -13.05
CA PHE E 71 -21.27 12.77 -11.92
C PHE E 71 -22.27 13.88 -12.18
N THR E 72 -22.89 14.37 -11.11
CA THR E 72 -23.90 15.41 -11.20
C THR E 72 -23.54 16.56 -10.28
N PHE E 73 -23.79 17.79 -10.75
CA PHE E 73 -23.59 19.00 -9.98
C PHE E 73 -24.90 19.78 -9.97
N THR E 74 -25.32 20.23 -8.78
CA THR E 74 -26.65 20.78 -8.61
C THR E 74 -26.59 22.09 -7.83
N ILE E 75 -27.30 23.10 -8.34
CA ILE E 75 -27.59 24.32 -7.59
C ILE E 75 -29.07 24.30 -7.28
N THR E 76 -29.41 24.11 -6.01
CA THR E 76 -30.82 23.95 -5.63
C THR E 76 -31.60 25.25 -5.81
N SER E 77 -31.04 26.36 -5.36
CA SER E 77 -31.71 27.66 -5.43
C SER E 77 -30.75 28.63 -6.13
N LEU E 78 -30.96 28.85 -7.41
CA LEU E 78 -30.09 29.73 -8.18
C LEU E 78 -30.14 31.15 -7.63
N GLN E 79 -28.99 31.80 -7.60
CA GLN E 79 -28.82 33.14 -7.05
C GLN E 79 -28.14 34.03 -8.08
N PRO E 80 -28.32 35.35 -7.98
CA PRO E 80 -27.65 36.25 -8.93
C PRO E 80 -26.13 36.16 -8.88
N GLU E 81 -25.54 35.72 -7.78
CA GLU E 81 -24.11 35.56 -7.68
C GLU E 81 -23.63 34.19 -8.14
N ASP E 82 -24.52 33.36 -8.67
CA ASP E 82 -24.18 32.05 -9.20
C ASP E 82 -24.09 32.03 -10.71
N ILE E 83 -24.00 33.20 -11.35
CA ILE E 83 -23.90 33.30 -12.80
C ILE E 83 -22.42 33.24 -13.16
N ALA E 84 -21.97 32.06 -13.59
CA ALA E 84 -20.56 31.85 -13.92
C ALA E 84 -20.45 30.59 -14.78
N THR E 85 -19.22 30.24 -15.13
CA THR E 85 -18.94 29.04 -15.90
C THR E 85 -18.48 27.93 -14.96
N TYR E 86 -19.07 26.75 -15.10
CA TYR E 86 -18.82 25.64 -14.19
C TYR E 86 -18.07 24.54 -14.93
N TYR E 87 -16.95 24.11 -14.35
CA TYR E 87 -16.09 23.08 -14.94
C TYR E 87 -16.03 21.86 -14.03
N CYS E 88 -15.83 20.70 -14.64
CA CYS E 88 -15.49 19.48 -13.92
C CYS E 88 -14.08 19.06 -14.29
N GLN E 89 -13.31 18.66 -13.27
CA GLN E 89 -11.92 18.24 -13.44
C GLN E 89 -11.74 16.87 -12.81
N GLN E 90 -10.95 16.03 -13.45
CA GLN E 90 -10.58 14.74 -12.87
C GLN E 90 -9.14 14.79 -12.39
N TYR E 91 -8.86 14.08 -11.30
CA TYR E 91 -7.50 13.94 -10.81
C TYR E 91 -7.22 12.50 -10.44
N ASP E 92 -7.73 11.56 -11.24
CA ASP E 92 -7.40 10.16 -11.04
C ASP E 92 -6.01 9.83 -11.58
N ASN E 93 -5.58 10.50 -12.65
CA ASN E 93 -4.27 10.24 -13.24
C ASN E 93 -3.83 11.47 -14.01
N LEU E 94 -2.52 11.60 -14.16
CA LEU E 94 -1.98 12.67 -15.00
C LEU E 94 -2.13 12.29 -16.48
N PRO E 95 -2.44 13.25 -17.35
CA PRO E 95 -2.67 14.68 -17.10
C PRO E 95 -3.99 14.95 -16.42
N LEU E 96 -4.10 16.04 -15.67
CA LEU E 96 -5.34 16.42 -15.01
C LEU E 96 -6.17 17.23 -16.02
N THR E 97 -7.20 16.61 -16.57
CA THR E 97 -7.99 17.21 -17.63
C THR E 97 -9.26 17.83 -17.06
N PHE E 98 -9.60 19.01 -17.55
CA PHE E 98 -10.83 19.69 -17.17
C PHE E 98 -11.96 19.30 -18.12
N GLY E 99 -13.16 19.79 -17.81
CA GLY E 99 -14.31 19.59 -18.66
C GLY E 99 -14.39 20.66 -19.74
N GLY E 100 -15.47 20.56 -20.53
CA GLY E 100 -15.67 21.52 -21.61
C GLY E 100 -16.15 22.88 -21.15
N GLY E 101 -16.77 22.96 -19.97
CA GLY E 101 -17.34 24.20 -19.49
C GLY E 101 -18.85 24.22 -19.64
N THR E 102 -19.48 25.10 -18.86
CA THR E 102 -20.93 25.25 -18.87
C THR E 102 -21.27 26.66 -18.46
N LYS E 103 -21.81 27.45 -19.39
CA LYS E 103 -22.15 28.85 -19.13
C LYS E 103 -23.61 28.93 -18.68
N VAL E 104 -23.82 29.55 -17.52
CA VAL E 104 -25.15 29.68 -16.93
C VAL E 104 -25.63 31.11 -17.11
N ASP E 105 -26.87 31.27 -17.56
CA ASP E 105 -27.46 32.58 -17.81
C ASP E 105 -28.79 32.68 -17.07
N ILE E 106 -29.37 33.88 -17.07
CA ILE E 106 -30.62 34.17 -16.40
C ILE E 106 -31.69 34.42 -17.45
N LYS E 107 -32.82 33.70 -17.33
CA LYS E 107 -33.94 33.88 -18.23
C LYS E 107 -34.65 35.20 -17.95
N GLU F 1 5.67 21.12 42.12
CA GLU F 1 5.39 20.09 43.12
C GLU F 1 4.36 19.08 42.62
N VAL F 2 4.81 17.85 42.39
CA VAL F 2 3.95 16.75 41.95
C VAL F 2 4.31 15.52 42.78
N GLN F 3 3.29 14.85 43.32
CA GLN F 3 3.49 13.66 44.14
C GLN F 3 2.86 12.46 43.47
N LEU F 4 3.66 11.41 43.26
CA LEU F 4 3.20 10.14 42.73
C LEU F 4 3.77 9.04 43.60
N VAL F 5 2.91 8.16 44.11
CA VAL F 5 3.31 7.11 45.03
C VAL F 5 2.79 5.78 44.52
N GLU F 6 3.69 4.84 44.27
CA GLU F 6 3.31 3.51 43.81
C GLU F 6 3.14 2.56 45.00
N SER F 7 2.30 1.54 44.79
CA SER F 7 2.06 0.54 45.82
C SER F 7 1.47 -0.70 45.14
N GLY F 8 1.46 -1.81 45.89
CA GLY F 8 0.85 -3.03 45.43
C GLY F 8 1.80 -4.07 44.87
N GLY F 9 3.11 -3.85 44.96
CA GLY F 9 4.07 -4.80 44.44
C GLY F 9 4.34 -5.95 45.39
N GLY F 10 5.27 -6.80 44.98
CA GLY F 10 5.68 -7.93 45.79
C GLY F 10 6.09 -9.09 44.91
N VAL F 11 6.04 -10.28 45.50
CA VAL F 11 6.39 -11.51 44.79
C VAL F 11 5.11 -12.18 44.31
N VAL F 12 5.07 -12.50 43.02
CA VAL F 12 3.89 -13.09 42.40
C VAL F 12 4.33 -14.31 41.58
N GLN F 13 3.61 -15.41 41.75
CA GLN F 13 3.91 -16.63 41.01
C GLN F 13 3.64 -16.42 39.52
N PRO F 14 4.37 -17.12 38.65
CA PRO F 14 4.14 -16.96 37.21
C PRO F 14 2.72 -17.35 36.83
N GLY F 15 2.13 -16.57 35.93
CA GLY F 15 0.78 -16.82 35.47
C GLY F 15 -0.31 -16.27 36.36
N ARG F 16 0.03 -15.67 37.50
CA ARG F 16 -0.95 -15.15 38.43
C ARG F 16 -1.30 -13.71 38.05
N SER F 17 -2.07 -13.04 38.91
CA SER F 17 -2.52 -11.68 38.67
C SER F 17 -2.04 -10.76 39.78
N LEU F 18 -1.60 -9.57 39.41
CA LEU F 18 -1.14 -8.57 40.37
C LEU F 18 -1.62 -7.19 39.95
N ARG F 19 -2.16 -6.43 40.90
CA ARG F 19 -2.69 -5.11 40.62
C ARG F 19 -1.83 -4.07 41.34
N LEU F 20 -1.20 -3.19 40.57
CA LEU F 20 -0.42 -2.08 41.10
C LEU F 20 -1.27 -0.82 41.11
N SER F 21 -1.04 0.02 42.11
CA SER F 21 -1.78 1.27 42.25
C SER F 21 -0.80 2.42 42.37
N CYS F 22 -1.28 3.61 42.00
CA CYS F 22 -0.46 4.82 42.00
C CYS F 22 -1.35 5.97 42.46
N ALA F 23 -1.03 6.55 43.61
CA ALA F 23 -1.76 7.69 44.14
C ALA F 23 -1.07 8.97 43.70
N ALA F 24 -1.86 9.94 43.22
CA ALA F 24 -1.35 11.18 42.69
C ALA F 24 -1.88 12.36 43.50
N SER F 25 -1.03 13.37 43.65
CA SER F 25 -1.39 14.56 44.43
C SER F 25 -0.57 15.74 43.95
N ALA F 26 -1.03 16.93 44.31
CA ALA F 26 -0.40 18.21 44.04
C ALA F 26 -0.47 18.62 42.57
N PHE F 27 -1.34 17.98 41.78
CA PHE F 27 -1.56 18.38 40.41
C PHE F 27 -2.92 17.88 39.96
N THR F 28 -3.39 18.45 38.85
CA THR F 28 -4.68 18.06 38.28
C THR F 28 -4.54 16.70 37.61
N PHE F 29 -4.95 15.64 38.32
CA PHE F 29 -4.78 14.30 37.79
C PHE F 29 -5.66 14.05 36.57
N SER F 30 -6.85 14.63 36.55
CA SER F 30 -7.83 14.39 35.49
C SER F 30 -7.57 15.23 34.24
N SER F 31 -6.38 15.81 34.08
CA SER F 31 -6.07 16.61 32.91
C SER F 31 -4.79 16.18 32.20
N TYR F 32 -4.16 15.09 32.63
CA TYR F 32 -2.93 14.62 32.02
C TYR F 32 -3.00 13.12 31.76
N ASP F 33 -2.34 12.70 30.69
CA ASP F 33 -2.18 11.28 30.41
C ASP F 33 -1.18 10.67 31.40
N MET F 34 -1.37 9.41 31.72
CA MET F 34 -0.55 8.73 32.72
C MET F 34 0.08 7.48 32.12
N HIS F 35 1.38 7.33 32.32
CA HIS F 35 2.13 6.20 31.78
C HIS F 35 2.58 5.27 32.89
N TRP F 36 2.66 3.99 32.56
CA TRP F 36 3.37 3.00 33.37
C TRP F 36 4.62 2.58 32.62
N VAL F 37 5.77 2.66 33.29
CA VAL F 37 7.07 2.37 32.71
C VAL F 37 7.83 1.46 33.67
N ARG F 38 8.39 0.37 33.16
CA ARG F 38 9.10 -0.57 34.00
C ARG F 38 10.59 -0.61 33.66
N GLN F 39 11.40 -0.88 34.69
CA GLN F 39 12.84 -1.02 34.55
C GLN F 39 13.25 -2.36 35.15
N ALA F 40 13.86 -3.22 34.33
CA ALA F 40 14.30 -4.52 34.81
C ALA F 40 15.52 -4.35 35.71
N PRO F 41 15.74 -5.28 36.65
CA PRO F 41 16.89 -5.16 37.57
C PRO F 41 18.21 -5.20 36.82
N GLY F 42 18.95 -4.09 36.90
CA GLY F 42 20.21 -3.98 36.21
C GLY F 42 20.12 -3.65 34.74
N LYS F 43 18.92 -3.46 34.21
CA LYS F 43 18.70 -3.15 32.81
C LYS F 43 18.18 -1.72 32.67
N GLY F 44 17.84 -1.34 31.44
CA GLY F 44 17.34 -0.01 31.16
C GLY F 44 15.84 0.11 31.30
N LEU F 45 15.35 1.33 31.10
CA LEU F 45 13.93 1.62 31.23
C LEU F 45 13.16 1.05 30.06
N GLU F 46 11.87 0.80 30.27
CA GLU F 46 11.00 0.24 29.25
C GLU F 46 9.58 0.75 29.44
N TRP F 47 9.08 1.50 28.47
CA TRP F 47 7.71 1.97 28.51
C TRP F 47 6.73 0.81 28.39
N VAL F 48 5.67 0.84 29.21
CA VAL F 48 4.70 -0.25 29.28
C VAL F 48 3.35 0.17 28.71
N ALA F 49 2.73 1.21 29.27
CA ALA F 49 1.37 1.54 28.86
C ALA F 49 1.09 3.02 29.10
N VAL F 50 0.01 3.50 28.49
CA VAL F 50 -0.43 4.89 28.61
C VAL F 50 -1.95 4.93 28.63
N ILE F 51 -2.51 5.84 29.44
CA ILE F 51 -3.93 6.09 29.49
C ILE F 51 -4.17 7.59 29.36
N SER F 52 -5.30 7.95 28.77
CA SER F 52 -5.64 9.33 28.48
C SER F 52 -6.23 10.02 29.71
N TYR F 53 -6.44 11.33 29.59
CA TYR F 53 -6.89 12.12 30.73
C TYR F 53 -8.32 11.76 31.15
N ASP F 54 -9.15 11.32 30.21
CA ASP F 54 -10.51 10.90 30.53
C ASP F 54 -10.65 9.39 30.66
N GLY F 55 -9.58 8.63 30.44
CA GLY F 55 -9.63 7.20 30.56
C GLY F 55 -10.28 6.48 29.40
N SER F 56 -10.60 7.18 28.32
CA SER F 56 -11.26 6.56 27.18
C SER F 56 -10.30 5.70 26.36
N ASN F 57 -9.06 6.17 26.17
CA ASN F 57 -8.08 5.50 25.34
C ASN F 57 -7.00 4.87 26.21
N LYS F 58 -6.70 3.60 25.96
CA LYS F 58 -5.64 2.89 26.65
C LYS F 58 -4.76 2.23 25.60
N TYR F 59 -3.44 2.43 25.71
CA TYR F 59 -2.50 1.85 24.76
C TYR F 59 -1.39 1.13 25.51
N TYR F 60 -0.89 0.06 24.90
CA TYR F 60 0.07 -0.83 25.54
C TYR F 60 1.24 -1.10 24.61
N ALA F 61 2.38 -1.42 25.20
CA ALA F 61 3.55 -1.83 24.43
C ALA F 61 3.32 -3.21 23.83
N ASP F 62 4.15 -3.55 22.83
CA ASP F 62 3.98 -4.82 22.12
C ASP F 62 4.17 -6.00 23.05
N SER F 63 5.15 -5.95 23.94
CA SER F 63 5.41 -7.06 24.85
C SER F 63 4.31 -7.23 25.88
N VAL F 64 3.51 -6.19 26.14
CA VAL F 64 2.48 -6.22 27.17
C VAL F 64 1.08 -6.10 26.58
N LYS F 65 0.95 -5.90 25.27
CA LYS F 65 -0.36 -5.73 24.66
C LYS F 65 -1.19 -6.99 24.83
N GLY F 66 -2.45 -6.81 25.24
CA GLY F 66 -3.33 -7.93 25.46
C GLY F 66 -3.04 -8.73 26.70
N ARG F 67 -2.16 -8.24 27.57
CA ARG F 67 -1.78 -8.99 28.76
C ARG F 67 -1.91 -8.11 30.01
N PHE F 68 -1.74 -6.81 29.84
CA PHE F 68 -1.90 -5.84 30.91
C PHE F 68 -3.14 -4.98 30.65
N THR F 69 -3.60 -4.30 31.70
CA THR F 69 -4.75 -3.41 31.60
C THR F 69 -4.50 -2.20 32.48
N ILE F 70 -4.52 -1.01 31.88
CA ILE F 70 -4.28 0.24 32.60
C ILE F 70 -5.59 1.01 32.69
N SER F 71 -5.95 1.43 33.89
CA SER F 71 -7.17 2.19 34.12
C SER F 71 -6.89 3.30 35.11
N ARG F 72 -7.84 4.21 35.26
CA ARG F 72 -7.65 5.33 36.18
C ARG F 72 -8.98 5.70 36.80
N ASP F 73 -8.91 6.31 37.98
CA ASP F 73 -10.07 6.84 38.69
C ASP F 73 -9.77 8.30 39.02
N ASN F 74 -10.45 9.21 38.32
CA ASN F 74 -10.25 10.64 38.55
C ASN F 74 -10.88 11.12 39.85
N SER F 75 -11.89 10.42 40.35
CA SER F 75 -12.48 10.80 41.63
C SER F 75 -11.49 10.61 42.76
N LYS F 76 -10.76 9.50 42.76
CA LYS F 76 -9.76 9.21 43.79
C LYS F 76 -8.35 9.66 43.41
N ASN F 77 -8.16 10.17 42.19
CA ASN F 77 -6.83 10.53 41.68
C ASN F 77 -5.89 9.33 41.74
N THR F 78 -6.34 8.19 41.23
CA THR F 78 -5.58 6.96 41.31
C THR F 78 -5.41 6.34 39.93
N LEU F 79 -4.30 5.62 39.77
CA LEU F 79 -3.98 4.92 38.53
C LEU F 79 -3.73 3.45 38.84
N TYR F 80 -4.43 2.56 38.13
CA TYR F 80 -4.38 1.13 38.39
C TYR F 80 -3.80 0.40 37.18
N LEU F 81 -2.96 -0.60 37.45
CA LEU F 81 -2.37 -1.44 36.42
C LEU F 81 -2.56 -2.89 36.82
N GLN F 82 -3.46 -3.59 36.13
CA GLN F 82 -3.71 -5.00 36.38
C GLN F 82 -2.88 -5.83 35.42
N MET F 83 -2.00 -6.66 35.95
CA MET F 83 -1.14 -7.54 35.16
C MET F 83 -1.60 -8.97 35.37
N ASN F 84 -2.02 -9.61 34.30
CA ASN F 84 -2.50 -10.99 34.32
C ASN F 84 -1.59 -11.86 33.46
N SER F 85 -1.44 -13.12 33.87
CA SER F 85 -0.57 -14.07 33.20
C SER F 85 0.86 -13.52 33.11
N LEU F 86 1.44 -13.26 34.28
CA LEU F 86 2.77 -12.70 34.35
C LEU F 86 3.83 -13.71 33.95
N ARG F 87 4.82 -13.26 33.19
CA ARG F 87 5.95 -14.07 32.77
C ARG F 87 7.20 -13.65 33.54
N ALA F 88 8.26 -14.46 33.39
CA ALA F 88 9.49 -14.22 34.12
C ALA F 88 10.15 -12.91 33.71
N GLU F 89 9.90 -12.46 32.48
CA GLU F 89 10.50 -11.22 32.01
C GLU F 89 9.87 -9.98 32.64
N ASP F 90 8.76 -10.12 33.36
CA ASP F 90 8.04 -8.99 33.93
C ASP F 90 8.57 -8.58 35.29
N THR F 91 9.54 -9.30 35.85
CA THR F 91 10.15 -8.90 37.11
C THR F 91 10.90 -7.59 36.93
N ALA F 92 10.40 -6.51 37.55
CA ALA F 92 10.97 -5.20 37.32
C ALA F 92 10.39 -4.22 38.34
N VAL F 93 10.91 -3.00 38.31
CA VAL F 93 10.39 -1.90 39.11
C VAL F 93 9.50 -1.05 38.23
N TYR F 94 8.25 -0.88 38.63
CA TYR F 94 7.26 -0.12 37.86
C TYR F 94 7.12 1.28 38.43
N TYR F 95 7.08 2.27 37.53
CA TYR F 95 6.90 3.66 37.87
C TYR F 95 5.69 4.21 37.13
N CYS F 96 4.88 5.00 37.83
CA CYS F 96 3.82 5.76 37.19
C CYS F 96 4.36 7.17 36.92
N ALA F 97 4.28 7.59 35.65
CA ALA F 97 4.85 8.83 35.20
C ALA F 97 3.76 9.73 34.62
N LYS F 98 3.89 11.03 34.89
CA LYS F 98 2.95 12.01 34.37
C LYS F 98 3.40 12.48 32.99
N ASP F 99 2.44 12.65 32.09
CA ASP F 99 2.73 13.17 30.77
C ASP F 99 2.93 14.68 30.83
N GLY F 100 3.92 15.18 30.11
CA GLY F 100 4.21 16.61 30.13
C GLY F 100 3.06 17.44 29.57
N GLY F 101 2.53 17.03 28.43
CA GLY F 101 1.40 17.71 27.84
C GLY F 101 1.72 18.93 27.00
N LYS F 102 2.98 19.33 26.91
CA LYS F 102 3.36 20.51 26.14
C LYS F 102 3.62 20.20 24.67
N LEU F 103 3.59 18.93 24.28
CA LEU F 103 3.90 18.53 22.91
C LEU F 103 2.83 17.58 22.41
N TRP F 104 2.82 17.39 21.09
CA TRP F 104 1.93 16.41 20.47
C TRP F 104 2.36 14.98 20.76
N VAL F 105 3.53 14.76 21.32
CA VAL F 105 4.07 13.44 21.58
C VAL F 105 4.20 13.25 23.08
N TYR F 106 4.17 11.99 23.51
CA TYR F 106 4.31 11.66 24.92
C TYR F 106 5.73 11.95 25.39
N TYR F 107 5.85 12.38 26.65
CA TYR F 107 7.15 12.48 27.31
C TYR F 107 6.90 12.63 28.80
N PHE F 108 7.59 11.81 29.60
CA PHE F 108 7.42 11.81 31.04
C PHE F 108 8.21 12.96 31.66
N ASP F 109 7.61 13.61 32.65
CA ASP F 109 8.29 14.68 33.37
C ASP F 109 8.41 14.44 34.87
N TYR F 110 7.46 13.74 35.48
CA TYR F 110 7.53 13.43 36.91
C TYR F 110 7.22 11.95 37.12
N TRP F 111 8.09 11.28 37.87
CA TRP F 111 8.00 9.85 38.13
C TRP F 111 7.82 9.61 39.62
N GLY F 112 7.12 8.51 39.94
CA GLY F 112 7.08 8.05 41.31
C GLY F 112 8.29 7.20 41.66
N GLN F 113 8.39 6.86 42.94
CA GLN F 113 9.53 6.07 43.39
C GLN F 113 9.51 4.64 42.87
N GLY F 114 8.34 4.14 42.48
CA GLY F 114 8.27 2.83 41.85
C GLY F 114 8.11 1.71 42.86
N THR F 115 7.51 0.61 42.39
CA THR F 115 7.27 -0.56 43.20
C THR F 115 7.81 -1.79 42.50
N LEU F 116 8.38 -2.72 43.26
CA LEU F 116 9.03 -3.89 42.70
C LEU F 116 8.04 -5.04 42.54
N VAL F 117 8.09 -5.70 41.38
CA VAL F 117 7.31 -6.90 41.11
C VAL F 117 8.29 -8.00 40.73
N THR F 118 8.25 -9.10 41.48
CA THR F 118 9.17 -10.22 41.28
C THR F 118 8.36 -11.44 40.85
N VAL F 119 8.57 -11.88 39.62
CA VAL F 119 7.89 -13.06 39.09
C VAL F 119 8.80 -14.26 39.34
N SER F 120 8.48 -15.03 40.37
CA SER F 120 9.25 -16.21 40.72
C SER F 120 8.40 -17.15 41.54
N SER F 121 8.82 -18.41 41.60
CA SER F 121 8.11 -19.42 42.36
C SER F 121 9.08 -20.39 43.03
N ASP G 1 10.71 -1.43 15.55
CA ASP G 1 10.80 -0.22 16.36
C ASP G 1 12.00 0.62 15.95
N ILE G 2 12.22 1.70 16.68
CA ILE G 2 13.36 2.59 16.46
C ILE G 2 14.36 2.34 17.57
N GLN G 3 15.52 1.79 17.21
CA GLN G 3 16.56 1.51 18.19
C GLN G 3 17.36 2.77 18.50
N MET G 4 17.61 2.99 19.78
CA MET G 4 18.41 4.12 20.25
C MET G 4 19.72 3.60 20.80
N THR G 5 20.83 4.16 20.31
CA THR G 5 22.17 3.75 20.72
C THR G 5 22.90 4.96 21.30
N GLN G 6 23.47 4.79 22.50
CA GLN G 6 24.13 5.87 23.19
C GLN G 6 25.64 5.64 23.21
N SER G 7 26.39 6.72 22.96
CA SER G 7 27.84 6.67 22.95
C SER G 7 28.39 7.77 23.84
N PRO G 8 29.34 7.46 24.73
CA PRO G 8 29.86 6.11 25.02
C PRO G 8 28.96 5.36 25.99
N SER G 9 29.08 4.03 26.08
CA SER G 9 28.29 3.28 27.05
C SER G 9 28.67 3.62 28.48
N SER G 10 29.87 4.14 28.70
CA SER G 10 30.31 4.59 30.02
C SER G 10 31.52 5.50 29.83
N LEU G 11 31.59 6.53 30.67
CA LEU G 11 32.69 7.49 30.59
C LEU G 11 33.05 7.93 32.00
N SER G 12 34.28 8.43 32.14
CA SER G 12 34.79 8.91 33.41
C SER G 12 35.20 10.36 33.27
N ALA G 13 34.78 11.20 34.23
CA ALA G 13 35.12 12.60 34.22
C ALA G 13 35.11 13.12 35.65
N SER G 14 35.78 14.25 35.85
CA SER G 14 35.90 14.87 37.16
C SER G 14 34.99 16.10 37.23
N VAL G 15 34.92 16.70 38.42
CA VAL G 15 34.08 17.87 38.61
C VAL G 15 34.66 19.05 37.84
N GLY G 16 33.80 19.74 37.09
CA GLY G 16 34.21 20.87 36.28
C GLY G 16 34.44 20.55 34.82
N ASP G 17 34.48 19.27 34.45
CA ASP G 17 34.68 18.89 33.06
C ASP G 17 33.42 19.13 32.25
N ARG G 18 33.59 19.19 30.93
CA ARG G 18 32.49 19.31 29.99
C ARG G 18 32.20 17.93 29.41
N VAL G 19 30.97 17.46 29.54
CA VAL G 19 30.59 16.10 29.17
C VAL G 19 29.61 16.16 28.01
N THR G 20 29.84 15.35 26.99
CA THR G 20 28.93 15.23 25.85
C THR G 20 28.55 13.77 25.67
N ILE G 21 27.25 13.51 25.53
CA ILE G 21 26.72 12.17 25.31
C ILE G 21 25.95 12.19 24.00
N THR G 22 26.25 11.24 23.12
CA THR G 22 25.63 11.19 21.81
C THR G 22 24.57 10.10 21.77
N CYS G 23 23.42 10.42 21.19
CA CYS G 23 22.32 9.48 21.01
C CYS G 23 22.03 9.38 19.52
N ARG G 24 21.93 8.15 19.02
CA ARG G 24 21.69 7.90 17.60
C ARG G 24 20.47 7.01 17.44
N ALA G 25 19.60 7.39 16.51
CA ALA G 25 18.40 6.62 16.21
C ALA G 25 18.58 5.85 14.92
N SER G 26 17.91 4.69 14.84
CA SER G 26 18.00 3.88 13.64
C SER G 26 17.45 4.62 12.43
N GLN G 27 16.33 5.32 12.61
CA GLN G 27 15.74 6.16 11.58
C GLN G 27 15.50 7.56 12.14
N SER G 28 15.17 8.48 11.24
CA SER G 28 14.92 9.86 11.66
C SER G 28 13.73 9.92 12.61
N ILE G 29 13.89 10.67 13.70
CA ILE G 29 12.82 10.88 14.67
C ILE G 29 12.49 12.35 14.82
N SER G 30 12.79 13.15 13.78
CA SER G 30 12.51 14.58 13.76
C SER G 30 13.23 15.23 14.95
N SER G 31 12.53 15.91 15.85
CA SER G 31 13.16 16.50 17.03
C SER G 31 12.56 15.97 18.32
N TYR G 32 12.00 14.75 18.29
CA TYR G 32 11.31 14.17 19.44
C TYR G 32 12.26 13.27 20.22
N LEU G 33 13.17 13.91 20.95
CA LEU G 33 14.09 13.20 21.84
C LEU G 33 14.02 13.78 23.23
N ASN G 34 14.01 12.92 24.23
CA ASN G 34 13.96 13.29 25.64
C ASN G 34 15.19 12.74 26.35
N TRP G 35 15.76 13.56 27.24
CA TRP G 35 16.91 13.17 28.05
C TRP G 35 16.47 13.09 29.51
N TYR G 36 16.70 11.93 30.12
CA TYR G 36 16.36 11.66 31.51
C TYR G 36 17.62 11.35 32.30
N GLN G 37 17.59 11.64 33.59
CA GLN G 37 18.66 11.35 34.52
C GLN G 37 18.15 10.45 35.63
N GLN G 38 18.90 9.40 35.95
CA GLN G 38 18.51 8.45 36.99
C GLN G 38 19.69 8.18 37.91
N LYS G 39 19.46 8.34 39.21
CA LYS G 39 20.43 7.99 40.23
C LYS G 39 20.29 6.52 40.62
N PRO G 40 21.35 5.90 41.11
CA PRO G 40 21.24 4.49 41.56
C PRO G 40 20.27 4.36 42.73
N GLY G 41 19.26 3.51 42.53
CA GLY G 41 18.26 3.27 43.55
C GLY G 41 17.14 4.29 43.62
N LYS G 42 17.12 5.27 42.73
CA LYS G 42 16.10 6.31 42.72
C LYS G 42 15.27 6.22 41.44
N ALA G 43 14.38 7.20 41.26
CA ALA G 43 13.51 7.31 40.10
C ALA G 43 14.14 8.24 39.06
N PRO G 44 13.87 8.00 37.78
CA PRO G 44 14.41 8.88 36.74
C PRO G 44 13.80 10.27 36.81
N LYS G 45 14.58 11.26 36.38
CA LYS G 45 14.16 12.65 36.39
C LYS G 45 14.36 13.23 35.00
N LEU G 46 13.31 13.86 34.47
CA LEU G 46 13.39 14.45 33.15
C LEU G 46 14.31 15.66 33.14
N LEU G 47 15.23 15.70 32.18
CA LEU G 47 16.12 16.84 31.99
C LEU G 47 15.77 17.64 30.76
N ILE G 48 15.61 16.99 29.61
CA ILE G 48 15.36 17.67 28.35
C ILE G 48 14.17 17.02 27.65
N TYR G 49 13.31 17.83 27.05
CA TYR G 49 12.24 17.33 26.21
C TYR G 49 12.25 18.08 24.88
N ALA G 50 11.81 17.39 23.83
CA ALA G 50 11.85 17.89 22.45
C ALA G 50 13.27 18.21 21.98
N ALA G 51 14.27 17.63 22.65
CA ALA G 51 15.67 17.66 22.24
C ALA G 51 16.31 19.05 22.37
N SER G 52 15.52 20.04 22.77
CA SER G 52 16.07 21.39 22.92
C SER G 52 15.51 22.16 24.11
N SER G 53 14.40 21.72 24.71
CA SER G 53 13.74 22.48 25.75
C SER G 53 14.17 21.98 27.13
N LEU G 54 14.51 22.91 28.01
CA LEU G 54 14.98 22.58 29.35
C LEU G 54 13.78 22.46 30.29
N GLN G 55 13.71 21.35 31.01
CA GLN G 55 12.63 21.14 31.96
C GLN G 55 12.76 22.08 33.14
N SER G 56 11.61 22.54 33.66
CA SER G 56 11.61 23.43 34.81
C SER G 56 12.22 22.74 36.03
N GLY G 57 13.07 23.47 36.75
CA GLY G 57 13.76 22.94 37.90
C GLY G 57 15.09 22.29 37.60
N VAL G 58 15.43 22.11 36.32
CA VAL G 58 16.70 21.53 35.91
C VAL G 58 17.75 22.63 35.84
N PRO G 59 18.96 22.40 36.33
CA PRO G 59 20.01 23.41 36.23
C PRO G 59 20.29 23.78 34.76
N SER G 60 20.63 25.05 34.55
CA SER G 60 20.85 25.55 33.20
C SER G 60 22.08 24.98 32.52
N ARG G 61 22.94 24.28 33.26
CA ARG G 61 24.14 23.70 32.64
C ARG G 61 23.80 22.58 31.69
N PHE G 62 22.66 21.93 31.84
CA PHE G 62 22.24 20.88 30.92
C PHE G 62 21.68 21.50 29.64
N SER G 63 22.16 21.02 28.50
CA SER G 63 21.66 21.50 27.21
C SER G 63 21.52 20.31 26.26
N GLY G 64 20.61 20.46 25.29
CA GLY G 64 20.41 19.44 24.30
C GLY G 64 20.36 20.04 22.90
N SER G 65 20.86 19.29 21.94
CA SER G 65 20.87 19.73 20.55
C SER G 65 20.80 18.52 19.64
N GLY G 66 20.69 18.78 18.35
CA GLY G 66 20.67 17.75 17.34
C GLY G 66 19.33 17.64 16.66
N SER G 67 19.29 16.76 15.66
CA SER G 67 18.10 16.54 14.85
C SER G 67 18.31 15.28 14.03
N GLY G 68 17.30 14.96 13.21
CA GLY G 68 17.36 13.79 12.35
C GLY G 68 17.55 12.52 13.14
N THR G 69 18.76 11.94 13.05
CA THR G 69 19.10 10.75 13.80
C THR G 69 20.17 10.99 14.86
N ASP G 70 20.80 12.15 14.87
CA ASP G 70 21.92 12.42 15.78
C ASP G 70 21.53 13.51 16.76
N PHE G 71 21.68 13.21 18.06
CA PHE G 71 21.38 14.16 19.12
C PHE G 71 22.50 14.16 20.14
N THR G 72 22.65 15.27 20.85
CA THR G 72 23.73 15.46 21.80
C THR G 72 23.20 16.09 23.07
N LEU G 73 23.60 15.52 24.21
CA LEU G 73 23.38 16.11 25.53
C LEU G 73 24.70 16.64 26.05
N THR G 74 24.70 17.88 26.52
CA THR G 74 25.92 18.55 26.95
C THR G 74 25.75 19.07 28.37
N ILE G 75 26.71 18.72 29.22
CA ILE G 75 26.84 19.29 30.56
C ILE G 75 28.10 20.15 30.54
N SER G 76 27.93 21.46 30.62
CA SER G 76 29.06 22.37 30.47
C SER G 76 30.07 22.20 31.61
N SER G 77 29.58 22.12 32.84
CA SER G 77 30.43 22.00 34.02
C SER G 77 29.91 20.87 34.89
N LEU G 78 30.62 19.74 34.89
CA LEU G 78 30.20 18.59 35.68
C LEU G 78 30.34 18.90 37.17
N GLN G 79 29.39 18.39 37.95
CA GLN G 79 29.30 18.62 39.38
C GLN G 79 29.04 17.32 40.10
N PRO G 80 29.30 17.26 41.40
CA PRO G 80 29.14 15.97 42.13
C PRO G 80 27.75 15.38 42.03
N GLU G 81 26.70 16.21 41.93
CA GLU G 81 25.35 15.69 41.83
C GLU G 81 24.96 15.31 40.40
N ASP G 82 25.86 15.51 39.44
CA ASP G 82 25.59 15.17 38.05
C ASP G 82 26.05 13.77 37.67
N PHE G 83 26.63 13.03 38.60
CA PHE G 83 27.11 11.67 38.32
C PHE G 83 25.92 10.72 38.44
N ALA G 84 25.34 10.36 37.30
CA ALA G 84 24.18 9.47 37.27
C ALA G 84 24.13 8.82 35.89
N THR G 85 23.05 8.10 35.62
CA THR G 85 22.85 7.45 34.33
C THR G 85 21.91 8.30 33.48
N TYR G 86 22.33 8.59 32.25
CA TYR G 86 21.58 9.46 31.35
C TYR G 86 20.99 8.63 30.23
N TYR G 87 19.67 8.70 30.07
CA TYR G 87 18.96 7.96 29.04
C TYR G 87 18.39 8.92 28.00
N CYS G 88 18.38 8.48 26.74
CA CYS G 88 17.68 9.19 25.68
C CYS G 88 16.53 8.34 25.16
N GLN G 89 15.40 8.99 24.92
CA GLN G 89 14.18 8.32 24.51
C GLN G 89 13.61 9.03 23.28
N GLN G 90 13.09 8.25 22.34
CA GLN G 90 12.45 8.80 21.16
C GLN G 90 10.93 8.81 21.37
N SER G 91 10.31 9.95 21.08
CA SER G 91 8.87 10.09 21.14
C SER G 91 8.23 10.19 19.77
N TYR G 92 8.98 9.93 18.70
CA TYR G 92 8.43 10.02 17.35
C TYR G 92 7.30 9.01 17.16
N SER G 93 7.58 7.74 17.46
CA SER G 93 6.54 6.71 17.46
C SER G 93 5.91 6.72 18.84
N THR G 94 4.83 7.49 18.98
CA THR G 94 4.25 7.74 20.30
C THR G 94 3.75 6.46 20.96
N LEU G 95 3.32 5.49 20.18
CA LEU G 95 2.82 4.22 20.71
C LEU G 95 3.90 3.15 20.79
N ALA G 96 5.15 3.49 20.49
CA ALA G 96 6.28 2.60 20.59
C ALA G 96 7.47 3.32 21.20
N LEU G 97 7.24 3.98 22.34
CA LEU G 97 8.31 4.70 23.03
C LEU G 97 9.43 3.74 23.41
N THR G 98 10.67 4.13 23.11
CA THR G 98 11.83 3.30 23.39
C THR G 98 12.94 4.15 24.00
N PHE G 99 13.60 3.60 25.01
CA PHE G 99 14.73 4.24 25.67
C PHE G 99 16.04 3.72 25.10
N GLY G 100 17.11 4.47 25.35
CA GLY G 100 18.44 4.05 24.98
C GLY G 100 19.01 3.05 25.95
N GLY G 101 20.26 2.66 25.69
CA GLY G 101 20.93 1.71 26.56
C GLY G 101 21.41 2.29 27.87
N GLY G 102 21.62 3.59 27.93
CA GLY G 102 22.12 4.23 29.13
C GLY G 102 23.58 4.66 28.97
N THR G 103 23.97 5.65 29.76
CA THR G 103 25.33 6.17 29.75
C THR G 103 25.69 6.54 31.19
N LYS G 104 26.41 5.64 31.87
CA LYS G 104 26.76 5.84 33.27
C LYS G 104 28.01 6.72 33.36
N VAL G 105 27.83 7.93 33.88
CA VAL G 105 28.93 8.86 34.09
C VAL G 105 29.54 8.58 35.46
N GLU G 106 30.84 8.33 35.50
CA GLU G 106 31.53 7.97 36.73
C GLU G 106 32.60 9.01 37.07
N ILE G 107 33.19 8.85 38.25
CA ILE G 107 34.21 9.75 38.75
C ILE G 107 35.59 9.19 38.40
N LYS G 108 36.44 10.03 37.82
CA LYS G 108 37.79 9.61 37.44
C LYS G 108 38.62 9.28 38.65
N VAL H 2 -15.61 0.11 -24.97
CA VAL H 2 -15.13 -1.22 -25.35
C VAL H 2 -16.17 -1.94 -26.17
N GLN H 3 -15.76 -2.47 -27.33
CA GLN H 3 -16.65 -3.21 -28.21
C GLN H 3 -16.11 -4.62 -28.36
N LEU H 4 -16.94 -5.62 -28.09
CA LEU H 4 -16.55 -7.02 -28.18
C LEU H 4 -17.46 -7.73 -29.18
N VAL H 5 -16.86 -8.46 -30.11
CA VAL H 5 -17.60 -9.15 -31.16
C VAL H 5 -17.24 -10.64 -31.10
N GLU H 6 -18.27 -11.49 -31.03
CA GLU H 6 -18.10 -12.93 -31.00
C GLU H 6 -18.13 -13.51 -32.40
N SER H 7 -17.28 -14.50 -32.64
CA SER H 7 -17.24 -15.21 -33.92
C SER H 7 -16.90 -16.67 -33.68
N GLY H 8 -17.31 -17.52 -34.61
CA GLY H 8 -17.06 -18.93 -34.51
C GLY H 8 -18.16 -19.77 -35.10
N PRO H 9 -17.87 -21.05 -35.38
CA PRO H 9 -18.88 -21.93 -35.95
C PRO H 9 -19.97 -22.25 -34.93
N GLY H 10 -21.22 -21.99 -35.32
CA GLY H 10 -22.37 -22.21 -34.47
C GLY H 10 -23.03 -23.56 -34.60
N ARG H 11 -22.40 -24.51 -35.30
CA ARG H 11 -22.98 -25.84 -35.53
C ARG H 11 -21.94 -26.91 -35.23
N VAL H 12 -21.26 -26.78 -34.10
CA VAL H 12 -20.23 -27.74 -33.71
C VAL H 12 -20.89 -29.08 -33.38
N LYS H 13 -20.14 -30.15 -33.63
CA LYS H 13 -20.62 -31.51 -33.42
C LYS H 13 -20.27 -31.99 -32.01
N PRO H 14 -21.01 -32.97 -31.50
CA PRO H 14 -20.69 -33.51 -30.17
C PRO H 14 -19.31 -34.16 -30.15
N SER H 15 -18.69 -34.13 -28.96
CA SER H 15 -17.39 -34.72 -28.69
C SER H 15 -16.28 -34.01 -29.45
N GLN H 16 -16.60 -32.94 -30.16
CA GLN H 16 -15.59 -32.13 -30.83
C GLN H 16 -15.15 -31.01 -29.89
N THR H 17 -14.38 -30.05 -30.41
CA THR H 17 -13.90 -28.92 -29.64
C THR H 17 -14.52 -27.65 -30.17
N LEU H 18 -15.38 -27.03 -29.37
CA LEU H 18 -15.98 -25.75 -29.72
C LEU H 18 -14.95 -24.64 -29.55
N SER H 19 -14.80 -23.81 -30.57
CA SER H 19 -13.86 -22.70 -30.53
C SER H 19 -14.60 -21.42 -30.86
N LEU H 20 -14.43 -20.42 -29.99
CA LEU H 20 -15.03 -19.10 -30.19
C LEU H 20 -13.94 -18.05 -30.04
N THR H 21 -14.07 -16.96 -30.78
CA THR H 21 -13.10 -15.88 -30.73
C THR H 21 -13.82 -14.56 -30.49
N CYS H 22 -13.32 -13.79 -29.53
CA CYS H 22 -13.85 -12.48 -29.22
C CYS H 22 -12.84 -11.44 -29.67
N THR H 23 -13.26 -10.58 -30.60
CA THR H 23 -12.44 -9.49 -31.09
C THR H 23 -12.79 -8.24 -30.30
N VAL H 24 -11.77 -7.59 -29.74
CA VAL H 24 -11.92 -6.42 -28.89
C VAL H 24 -11.46 -5.20 -29.67
N SER H 25 -12.32 -4.20 -29.77
CA SER H 25 -12.00 -2.93 -30.42
C SER H 25 -12.32 -1.78 -29.48
N GLY H 26 -11.51 -0.73 -29.56
CA GLY H 26 -11.66 0.42 -28.71
C GLY H 26 -10.80 0.39 -27.46
N ASP H 27 -10.33 -0.79 -27.07
CA ASP H 27 -9.47 -0.95 -25.91
C ASP H 27 -8.48 -2.07 -26.18
N SER H 28 -7.30 -1.96 -25.60
CA SER H 28 -6.24 -2.94 -25.80
C SER H 28 -6.45 -4.15 -24.91
N ILE H 29 -5.99 -5.31 -25.38
CA ILE H 29 -6.13 -6.54 -24.62
C ILE H 29 -4.88 -6.88 -23.82
N ASN H 30 -3.75 -6.22 -24.10
CA ASN H 30 -2.49 -6.53 -23.43
C ASN H 30 -2.01 -5.37 -22.54
N SER H 31 -2.90 -4.44 -22.20
CA SER H 31 -2.54 -3.35 -21.32
C SER H 31 -3.72 -3.05 -20.41
N GLY H 32 -3.42 -2.44 -19.27
CA GLY H 32 -4.43 -2.10 -18.29
C GLY H 32 -4.82 -3.32 -17.45
N ILE H 33 -5.73 -3.08 -16.52
CA ILE H 33 -6.28 -4.12 -15.67
C ILE H 33 -7.65 -4.47 -16.23
N ASN H 34 -7.70 -5.48 -17.08
CA ASN H 34 -8.95 -5.94 -17.67
C ASN H 34 -9.08 -7.44 -17.49
N TYR H 35 -10.28 -7.88 -17.16
CA TYR H 35 -10.58 -9.30 -16.98
C TYR H 35 -11.54 -9.71 -18.09
N TRP H 36 -11.01 -10.36 -19.12
CA TRP H 36 -11.80 -10.75 -20.28
C TRP H 36 -12.55 -12.04 -19.96
N ASN H 37 -13.87 -11.95 -19.91
CA ASN H 37 -14.72 -13.03 -19.43
C ASN H 37 -15.51 -13.65 -20.56
N TRP H 38 -15.71 -14.97 -20.44
CA TRP H 38 -16.65 -15.72 -21.25
C TRP H 38 -17.76 -16.21 -20.34
N ILE H 39 -19.01 -15.91 -20.73
CA ILE H 39 -20.20 -16.26 -19.97
C ILE H 39 -21.22 -16.87 -20.94
N ARG H 40 -21.80 -18.00 -20.59
CA ARG H 40 -22.76 -18.66 -21.45
C ARG H 40 -24.12 -18.71 -20.79
N GLN H 41 -25.17 -18.73 -21.62
CA GLN H 41 -26.54 -18.81 -21.17
C GLN H 41 -27.31 -19.82 -22.02
N PRO H 42 -27.79 -20.92 -21.44
CA PRO H 42 -28.65 -21.83 -22.20
C PRO H 42 -30.01 -21.18 -22.46
N ALA H 43 -30.68 -21.67 -23.50
CA ALA H 43 -32.00 -21.17 -23.83
C ALA H 43 -32.99 -21.52 -22.73
N GLY H 44 -33.67 -20.51 -22.20
CA GLY H 44 -34.62 -20.72 -21.12
C GLY H 44 -34.01 -20.92 -19.75
N LYS H 45 -32.70 -20.77 -19.62
CA LYS H 45 -32.00 -20.95 -18.36
C LYS H 45 -31.33 -19.64 -17.95
N GLU H 46 -30.60 -19.68 -16.83
CA GLU H 46 -29.90 -18.52 -16.34
C GLU H 46 -28.47 -18.48 -16.86
N LEU H 47 -27.76 -17.40 -16.57
CA LEU H 47 -26.38 -17.25 -17.02
C LEU H 47 -25.47 -18.26 -16.32
N GLU H 48 -24.39 -18.61 -17.00
CA GLU H 48 -23.34 -19.44 -16.43
C GLU H 48 -22.00 -18.85 -16.81
N TRP H 49 -21.17 -18.57 -15.81
CA TRP H 49 -19.86 -17.96 -16.05
C TRP H 49 -18.89 -19.05 -16.48
N ILE H 50 -18.32 -18.90 -17.69
CA ILE H 50 -17.37 -19.87 -18.20
C ILE H 50 -16.03 -19.63 -17.53
N GLY H 51 -15.48 -18.44 -17.72
CA GLY H 51 -14.17 -18.18 -17.15
C GLY H 51 -13.68 -16.80 -17.51
N ARG H 52 -12.46 -16.50 -17.06
CA ARG H 52 -11.84 -15.20 -17.32
C ARG H 52 -10.36 -15.39 -17.57
N ILE H 53 -9.78 -14.41 -18.26
CA ILE H 53 -8.34 -14.30 -18.43
C ILE H 53 -7.92 -12.86 -18.14
N PHE H 54 -6.82 -12.71 -17.42
CA PHE H 54 -6.28 -11.38 -17.12
C PHE H 54 -5.34 -10.95 -18.24
N THR H 55 -4.98 -9.66 -18.22
CA THR H 55 -4.07 -9.14 -19.23
C THR H 55 -2.66 -9.71 -19.12
N SER H 56 -2.33 -10.36 -18.01
CA SER H 56 -1.04 -11.02 -17.86
C SER H 56 -1.07 -12.47 -18.32
N GLY H 57 -2.23 -12.97 -18.73
CA GLY H 57 -2.38 -14.33 -19.19
C GLY H 57 -2.94 -15.30 -18.17
N THR H 58 -2.97 -14.92 -16.90
CA THR H 58 -3.49 -15.80 -15.86
C THR H 58 -4.99 -16.01 -16.06
N THR H 59 -5.43 -17.26 -15.96
CA THR H 59 -6.81 -17.63 -16.22
C THR H 59 -7.48 -18.10 -14.93
N HIS H 60 -8.80 -17.94 -14.87
CA HIS H 60 -9.60 -18.42 -13.76
C HIS H 60 -10.85 -19.08 -14.33
N TYR H 61 -11.22 -20.24 -13.80
CA TYR H 61 -12.30 -21.02 -14.38
C TYR H 61 -13.34 -21.40 -13.33
N ASN H 62 -14.56 -21.55 -13.80
CA ASN H 62 -15.61 -22.15 -12.99
C ASN H 62 -15.23 -23.61 -12.70
N PRO H 63 -15.27 -24.04 -11.44
CA PRO H 63 -14.76 -25.38 -11.12
C PRO H 63 -15.47 -26.51 -11.84
N SER H 64 -16.74 -26.33 -12.21
CA SER H 64 -17.47 -27.37 -12.92
C SER H 64 -16.95 -27.57 -14.33
N LEU H 65 -16.38 -26.53 -14.93
CA LEU H 65 -15.88 -26.58 -16.30
C LEU H 65 -14.36 -26.42 -16.37
N LYS H 66 -13.65 -26.63 -15.26
CA LYS H 66 -12.21 -26.40 -15.26
C LYS H 66 -11.47 -27.38 -16.17
N SER H 67 -11.93 -28.63 -16.25
CA SER H 67 -11.23 -29.65 -17.00
C SER H 67 -11.45 -29.57 -18.51
N ARG H 68 -12.45 -28.82 -18.96
CA ARG H 68 -12.79 -28.78 -20.38
C ARG H 68 -12.66 -27.42 -21.03
N VAL H 69 -12.28 -26.39 -20.29
CA VAL H 69 -12.24 -25.01 -20.79
C VAL H 69 -10.79 -24.55 -20.85
N THR H 70 -10.41 -23.95 -21.96
CA THR H 70 -9.10 -23.32 -22.11
C THR H 70 -9.29 -21.98 -22.81
N ILE H 71 -8.92 -20.89 -22.13
CA ILE H 71 -9.07 -19.55 -22.69
C ILE H 71 -7.67 -19.00 -22.93
N SER H 72 -7.43 -18.51 -24.14
CA SER H 72 -6.14 -17.98 -24.55
C SER H 72 -6.32 -16.58 -25.12
N VAL H 73 -5.20 -15.88 -25.33
CA VAL H 73 -5.20 -14.53 -25.85
C VAL H 73 -4.22 -14.43 -27.02
N ASP H 74 -4.70 -13.93 -28.15
CA ASP H 74 -3.86 -13.61 -29.30
C ASP H 74 -3.64 -12.10 -29.26
N ARG H 75 -2.46 -11.71 -28.76
CA ARG H 75 -2.15 -10.28 -28.62
C ARG H 75 -1.76 -9.67 -29.96
N SER H 76 -1.38 -10.50 -30.93
CA SER H 76 -1.09 -9.99 -32.27
C SER H 76 -2.35 -9.43 -32.91
N LYS H 77 -3.45 -10.16 -32.82
CA LYS H 77 -4.73 -9.74 -33.39
C LYS H 77 -5.61 -9.01 -32.39
N ASN H 78 -5.15 -8.84 -31.15
CA ASN H 78 -5.92 -8.16 -30.10
C ASN H 78 -7.25 -8.85 -29.84
N GLU H 79 -7.22 -10.18 -29.74
CA GLU H 79 -8.41 -10.98 -29.53
C GLU H 79 -8.17 -11.98 -28.40
N PHE H 80 -9.26 -12.56 -27.89
CA PHE H 80 -9.11 -13.67 -26.96
C PHE H 80 -10.12 -14.76 -27.29
N SER H 81 -9.69 -16.01 -27.16
CA SER H 81 -10.45 -17.14 -27.65
C SER H 81 -10.73 -18.14 -26.54
N LEU H 82 -11.86 -18.83 -26.69
CA LEU H 82 -12.30 -19.86 -25.78
C LEU H 82 -12.38 -21.19 -26.53
N THR H 83 -11.85 -22.25 -25.93
CA THR H 83 -11.92 -23.60 -26.47
C THR H 83 -12.51 -24.52 -25.42
N LEU H 84 -13.60 -25.18 -25.77
CA LEU H 84 -14.31 -26.10 -24.90
C LEU H 84 -14.33 -27.47 -25.57
N ASN H 85 -13.59 -28.43 -25.02
CA ASN H 85 -13.49 -29.75 -25.61
C ASN H 85 -14.44 -30.72 -24.92
N SER H 86 -14.59 -31.90 -25.54
CA SER H 86 -15.50 -32.94 -25.06
C SER H 86 -16.93 -32.40 -24.94
N VAL H 87 -17.34 -31.62 -25.94
CA VAL H 87 -18.65 -30.97 -25.89
C VAL H 87 -19.75 -31.99 -26.09
N THR H 88 -20.76 -31.94 -25.22
CA THR H 88 -21.95 -32.78 -25.32
C THR H 88 -23.14 -31.92 -25.74
N ALA H 89 -24.33 -32.55 -25.73
CA ALA H 89 -25.54 -31.85 -26.16
C ALA H 89 -25.94 -30.74 -25.20
N ALA H 90 -25.42 -30.74 -23.98
CA ALA H 90 -25.81 -29.75 -22.97
C ALA H 90 -25.06 -28.43 -23.13
N ASP H 91 -24.12 -28.32 -24.06
CA ASP H 91 -23.35 -27.10 -24.23
C ASP H 91 -23.94 -26.15 -25.27
N THR H 92 -25.09 -26.49 -25.84
CA THR H 92 -25.77 -25.59 -26.77
C THR H 92 -26.30 -24.38 -26.00
N ALA H 93 -25.84 -23.18 -26.37
CA ALA H 93 -26.18 -22.00 -25.59
C ALA H 93 -25.76 -20.75 -26.36
N VAL H 94 -26.14 -19.59 -25.83
CA VAL H 94 -25.67 -18.32 -26.33
C VAL H 94 -24.45 -17.92 -25.52
N TYR H 95 -23.33 -17.70 -26.21
CA TYR H 95 -22.06 -17.37 -25.58
C TYR H 95 -21.80 -15.88 -25.75
N PHE H 96 -21.55 -15.20 -24.64
CA PHE H 96 -21.13 -13.81 -24.63
C PHE H 96 -19.69 -13.72 -24.16
N CYS H 97 -18.96 -12.77 -24.74
CA CYS H 97 -17.71 -12.33 -24.16
C CYS H 97 -17.90 -10.92 -23.60
N GLY H 98 -17.05 -10.56 -22.65
CA GLY H 98 -17.19 -9.28 -21.98
C GLY H 98 -15.90 -8.84 -21.35
N ARG H 99 -15.84 -7.56 -21.00
CA ARG H 99 -14.73 -6.99 -20.28
C ARG H 99 -15.15 -6.69 -18.85
N GLY H 100 -14.21 -6.81 -17.93
CA GLY H 100 -14.45 -6.45 -16.55
C GLY H 100 -13.22 -5.88 -15.89
N GLY H 101 -13.36 -4.76 -15.20
CA GLY H 101 -12.23 -4.18 -14.50
C GLY H 101 -11.84 -4.91 -13.23
N THR H 102 -12.70 -5.81 -12.74
CA THR H 102 -12.43 -6.59 -11.54
C THR H 102 -12.65 -8.06 -11.84
N ASP H 103 -12.30 -8.90 -10.87
CA ASP H 103 -12.54 -10.33 -10.98
C ASP H 103 -13.87 -10.69 -10.32
N ASP H 104 -14.80 -9.73 -10.29
CA ASP H 104 -16.05 -9.88 -9.57
C ASP H 104 -17.26 -9.91 -10.49
N TYR H 105 -17.40 -8.92 -11.37
CA TYR H 105 -18.58 -8.78 -12.22
C TYR H 105 -18.12 -8.44 -13.65
N VAL H 106 -19.08 -8.41 -14.57
CA VAL H 106 -18.84 -8.06 -15.96
C VAL H 106 -19.70 -6.85 -16.30
N ASP H 107 -19.06 -5.74 -16.68
CA ASP H 107 -19.78 -4.51 -16.95
C ASP H 107 -19.95 -4.22 -18.44
N TYR H 108 -19.15 -4.83 -19.30
CA TYR H 108 -19.31 -4.73 -20.74
C TYR H 108 -19.63 -6.11 -21.30
N TRP H 109 -20.50 -6.17 -22.30
CA TRP H 109 -20.93 -7.42 -22.89
C TRP H 109 -20.90 -7.32 -24.40
N GLY H 110 -20.79 -8.48 -25.04
CA GLY H 110 -20.91 -8.57 -26.48
C GLY H 110 -22.32 -8.96 -26.89
N GLN H 111 -22.57 -8.91 -28.20
CA GLN H 111 -23.88 -9.26 -28.72
C GLN H 111 -24.23 -10.71 -28.45
N GLY H 112 -23.23 -11.58 -28.36
CA GLY H 112 -23.46 -12.99 -28.11
C GLY H 112 -23.71 -13.78 -29.38
N THR H 113 -23.20 -15.01 -29.43
CA THR H 113 -23.40 -15.89 -30.57
C THR H 113 -24.04 -17.20 -30.11
N LEU H 114 -24.98 -17.71 -30.89
CA LEU H 114 -25.65 -18.96 -30.57
C LEU H 114 -24.83 -20.13 -31.10
N VAL H 115 -24.55 -21.09 -30.24
CA VAL H 115 -23.80 -22.28 -30.60
C VAL H 115 -24.68 -23.49 -30.33
N THR H 116 -24.94 -24.27 -31.38
CA THR H 116 -25.79 -25.45 -31.31
C THR H 116 -24.94 -26.70 -31.46
N VAL H 117 -25.25 -27.72 -30.66
CA VAL H 117 -24.52 -28.98 -30.66
C VAL H 117 -25.49 -30.08 -31.04
N SER H 118 -25.24 -30.73 -32.18
CA SER H 118 -26.11 -31.80 -32.66
C SER H 118 -25.33 -32.66 -33.62
N SER H 119 -25.82 -33.88 -33.81
CA SER H 119 -25.19 -34.84 -34.72
C SER H 119 -25.95 -34.94 -36.03
N ALA I 1 -20.49 -25.53 -4.30
CA ALA I 1 -20.49 -24.12 -4.67
C ALA I 1 -21.63 -23.39 -3.97
N ILE I 2 -21.64 -22.07 -4.11
CA ILE I 2 -22.68 -21.24 -3.51
C ILE I 2 -23.88 -21.19 -4.45
N GLN I 3 -25.06 -21.54 -3.93
CA GLN I 3 -26.29 -21.56 -4.70
C GLN I 3 -27.14 -20.36 -4.32
N MET I 4 -27.54 -19.59 -5.32
CA MET I 4 -28.36 -18.39 -5.11
C MET I 4 -29.81 -18.71 -5.44
N THR I 5 -30.69 -18.58 -4.46
CA THR I 5 -32.11 -18.77 -4.64
C THR I 5 -32.78 -17.41 -4.78
N GLN I 6 -33.38 -17.16 -5.93
CA GLN I 6 -33.98 -15.87 -6.24
C GLN I 6 -35.50 -16.02 -6.29
N SER I 7 -36.20 -15.06 -5.69
CA SER I 7 -37.65 -15.09 -5.63
C SER I 7 -38.21 -13.70 -5.90
N PRO I 8 -39.42 -13.60 -6.46
CA PRO I 8 -40.26 -14.70 -6.98
C PRO I 8 -39.81 -15.16 -8.36
N SER I 9 -40.25 -16.33 -8.82
CA SER I 9 -39.90 -16.79 -10.16
C SER I 9 -40.48 -15.87 -11.23
N THR I 10 -41.77 -15.57 -11.11
CA THR I 10 -42.43 -14.61 -11.99
C THR I 10 -43.14 -13.57 -11.15
N LEU I 11 -43.03 -12.30 -11.57
CA LEU I 11 -43.61 -11.19 -10.82
C LEU I 11 -44.42 -10.34 -11.78
N SER I 12 -45.66 -10.06 -11.40
CA SER I 12 -46.55 -9.21 -12.19
C SER I 12 -46.65 -7.84 -11.52
N ALA I 13 -46.48 -6.78 -12.32
CA ALA I 13 -46.51 -5.43 -11.79
C ALA I 13 -46.99 -4.47 -12.88
N SER I 14 -47.38 -3.28 -12.44
CA SER I 14 -47.81 -2.22 -13.34
C SER I 14 -46.79 -1.08 -13.30
N VAL I 15 -46.88 -0.22 -14.31
CA VAL I 15 -45.95 0.91 -14.40
C VAL I 15 -46.22 1.87 -13.25
N GLY I 16 -45.18 2.18 -12.48
CA GLY I 16 -45.30 3.05 -11.33
C GLY I 16 -45.34 2.35 -9.99
N ASP I 17 -45.43 1.02 -9.97
CA ASP I 17 -45.48 0.28 -8.72
C ASP I 17 -44.08 0.15 -8.12
N ARG I 18 -44.01 -0.49 -6.95
CA ARG I 18 -42.76 -0.73 -6.24
C ARG I 18 -42.48 -2.22 -6.28
N VAL I 19 -41.38 -2.60 -6.94
CA VAL I 19 -41.04 -4.00 -7.16
C VAL I 19 -39.92 -4.40 -6.21
N THR I 20 -40.06 -5.56 -5.58
CA THR I 20 -39.06 -6.09 -4.65
C THR I 20 -38.71 -7.51 -5.07
N ILE I 21 -37.42 -7.76 -5.30
CA ILE I 21 -36.92 -9.08 -5.69
C ILE I 21 -35.87 -9.50 -4.68
N THR I 22 -36.00 -10.70 -4.13
CA THR I 22 -35.11 -11.16 -3.08
C THR I 22 -34.17 -12.24 -3.60
N CYS I 23 -32.95 -12.25 -3.07
CA CYS I 23 -31.95 -13.25 -3.40
C CYS I 23 -31.32 -13.74 -2.11
N ARG I 24 -31.16 -15.06 -1.99
CA ARG I 24 -30.65 -15.69 -0.78
C ARG I 24 -29.47 -16.59 -1.14
N ALA I 25 -28.38 -16.45 -0.40
CA ALA I 25 -27.18 -17.23 -0.63
C ALA I 25 -27.17 -18.47 0.26
N SER I 26 -26.61 -19.55 -0.26
CA SER I 26 -26.51 -20.79 0.52
C SER I 26 -25.57 -20.64 1.70
N GLN I 27 -24.50 -19.86 1.55
CA GLN I 27 -23.58 -19.59 2.63
C GLN I 27 -23.31 -18.09 2.68
N ASP I 28 -22.57 -17.65 3.69
CA ASP I 28 -22.32 -16.24 3.87
C ASP I 28 -21.44 -15.72 2.72
N ILE I 29 -21.92 -14.67 2.06
CA ILE I 29 -21.20 -14.04 0.96
C ILE I 29 -20.88 -12.58 1.24
N ASN I 30 -21.03 -12.14 2.49
CA ASN I 30 -20.74 -10.78 2.92
C ASN I 30 -21.60 -9.82 2.10
N SER I 31 -21.02 -8.86 1.37
CA SER I 31 -21.79 -7.98 0.50
C SER I 31 -21.37 -8.13 -0.96
N TRP I 32 -20.79 -9.27 -1.32
CA TRP I 32 -20.29 -9.49 -2.68
C TRP I 32 -21.44 -10.03 -3.54
N LEU I 33 -22.33 -9.12 -3.94
CA LEU I 33 -23.43 -9.48 -4.82
C LEU I 33 -23.57 -8.43 -5.92
N ALA I 34 -24.04 -8.89 -7.08
CA ALA I 34 -24.27 -8.03 -8.23
C ALA I 34 -25.64 -8.37 -8.83
N TRP I 35 -26.25 -7.36 -9.43
CA TRP I 35 -27.55 -7.47 -10.07
C TRP I 35 -27.45 -7.03 -11.51
N TYR I 36 -27.93 -7.89 -12.42
CA TYR I 36 -27.96 -7.62 -13.85
C TYR I 36 -29.40 -7.59 -14.34
N GLN I 37 -29.63 -6.81 -15.39
CA GLN I 37 -30.90 -6.78 -16.10
C GLN I 37 -30.68 -7.20 -17.54
N GLN I 38 -31.57 -8.06 -18.04
CA GLN I 38 -31.46 -8.58 -19.40
C GLN I 38 -32.84 -8.58 -20.06
N LYS I 39 -32.91 -8.05 -21.29
CA LYS I 39 -34.02 -8.09 -22.23
C LYS I 39 -33.99 -9.40 -23.02
N PRO I 40 -35.14 -9.88 -23.48
CA PRO I 40 -35.15 -11.11 -24.29
C PRO I 40 -34.39 -10.90 -25.60
N GLY I 41 -33.33 -11.69 -25.79
CA GLY I 41 -32.54 -11.64 -26.99
C GLY I 41 -31.37 -10.69 -26.95
N LYS I 42 -31.20 -9.92 -25.87
CA LYS I 42 -30.13 -8.95 -25.75
C LYS I 42 -29.14 -9.38 -24.66
N ALA I 43 -27.99 -8.71 -24.64
CA ALA I 43 -26.98 -8.97 -23.65
C ALA I 43 -27.37 -8.37 -22.30
N PRO I 44 -27.01 -9.02 -21.19
CA PRO I 44 -27.37 -8.49 -19.88
C PRO I 44 -26.67 -7.16 -19.60
N LYS I 45 -27.33 -6.32 -18.81
CA LYS I 45 -26.82 -5.03 -18.40
C LYS I 45 -26.62 -5.01 -16.90
N LEU I 46 -25.44 -4.58 -16.46
CA LEU I 46 -25.13 -4.52 -15.03
C LEU I 46 -25.88 -3.36 -14.39
N LEU I 47 -26.55 -3.64 -13.27
CA LEU I 47 -27.26 -2.62 -12.51
C LEU I 47 -26.58 -2.34 -11.19
N ILE I 48 -26.31 -3.37 -10.39
CA ILE I 48 -25.81 -3.23 -9.04
C ILE I 48 -24.55 -4.06 -8.89
N TYR I 49 -23.56 -3.52 -8.17
CA TYR I 49 -22.43 -4.31 -7.71
C TYR I 49 -22.15 -3.98 -6.26
N ASP I 50 -21.49 -4.91 -5.58
CA ASP I 50 -21.25 -4.83 -4.13
C ASP I 50 -22.56 -4.78 -3.35
N ALA I 51 -23.64 -5.20 -4.00
CA ALA I 51 -24.96 -5.43 -3.40
C ALA I 51 -25.65 -4.12 -3.03
N SER I 52 -24.95 -2.99 -3.13
CA SER I 52 -25.54 -1.69 -2.83
C SER I 52 -25.10 -0.58 -3.76
N SER I 53 -24.03 -0.76 -4.53
CA SER I 53 -23.48 0.32 -5.35
C SER I 53 -24.15 0.30 -6.72
N LEU I 54 -24.67 1.45 -7.13
CA LEU I 54 -25.31 1.58 -8.43
C LEU I 54 -24.26 1.67 -9.53
N HIS I 55 -24.44 0.90 -10.59
CA HIS I 55 -23.57 1.00 -11.75
C HIS I 55 -23.77 2.34 -12.44
N SER I 56 -22.69 2.89 -12.98
CA SER I 56 -22.76 4.19 -13.62
C SER I 56 -23.68 4.16 -14.82
N GLY I 57 -24.55 5.17 -14.92
CA GLY I 57 -25.52 5.26 -15.99
C GLY I 57 -26.84 4.60 -15.70
N VAL I 58 -26.96 3.85 -14.62
CA VAL I 58 -28.20 3.18 -14.24
C VAL I 58 -29.14 4.21 -13.63
N PRO I 59 -30.43 4.19 -13.95
CA PRO I 59 -31.37 5.12 -13.32
C PRO I 59 -31.40 4.94 -11.81
N THR I 60 -31.62 6.05 -11.10
CA THR I 60 -31.56 6.05 -9.64
C THR I 60 -32.73 5.33 -8.98
N ARG I 61 -33.74 4.94 -9.75
CA ARG I 61 -34.89 4.24 -9.16
C ARG I 61 -34.53 2.84 -8.69
N PHE I 62 -33.39 2.29 -9.11
CA PHE I 62 -32.94 0.97 -8.66
C PHE I 62 -32.15 1.11 -7.36
N SER I 63 -32.43 0.21 -6.41
CA SER I 63 -31.69 0.20 -5.16
C SER I 63 -31.37 -1.25 -4.80
N GLY I 64 -30.19 -1.45 -4.23
CA GLY I 64 -29.78 -2.77 -3.75
C GLY I 64 -29.47 -2.68 -2.27
N SER I 65 -29.98 -3.65 -1.50
CA SER I 65 -29.81 -3.66 -0.06
C SER I 65 -29.58 -5.08 0.41
N GLY I 66 -29.17 -5.21 1.66
CA GLY I 66 -28.97 -6.51 2.27
C GLY I 66 -27.50 -6.85 2.40
N SER I 67 -27.25 -7.96 3.10
CA SER I 67 -25.89 -8.44 3.34
C SER I 67 -25.97 -9.79 4.02
N GLY I 68 -24.91 -10.57 3.88
CA GLY I 68 -24.86 -11.87 4.52
C GLY I 68 -25.47 -12.96 3.66
N THR I 69 -26.73 -13.31 3.95
CA THR I 69 -27.45 -14.31 3.18
C THR I 69 -28.77 -13.79 2.61
N GLU I 70 -29.08 -12.51 2.78
CA GLU I 70 -30.31 -11.92 2.26
C GLU I 70 -29.98 -10.62 1.54
N PHE I 71 -30.43 -10.51 0.29
CA PHE I 71 -30.24 -9.32 -0.51
C PHE I 71 -31.53 -9.00 -1.24
N THR I 72 -31.71 -7.73 -1.59
CA THR I 72 -32.96 -7.26 -2.18
C THR I 72 -32.67 -6.21 -3.24
N LEU I 73 -33.32 -6.34 -4.39
CA LEU I 73 -33.34 -5.32 -5.42
C LEU I 73 -34.73 -4.69 -5.43
N THR I 74 -34.78 -3.37 -5.26
CA THR I 74 -36.04 -2.65 -5.14
C THR I 74 -36.12 -1.56 -6.20
N ILE I 75 -37.23 -1.51 -6.90
CA ILE I 75 -37.53 -0.46 -7.87
C ILE I 75 -38.68 0.36 -7.29
N SER I 76 -38.40 1.63 -6.98
CA SER I 76 -39.39 2.52 -6.38
C SER I 76 -40.58 2.74 -7.31
N SER I 77 -40.33 3.32 -8.47
CA SER I 77 -41.36 3.60 -9.47
C SER I 77 -41.02 2.85 -10.74
N LEU I 78 -41.79 1.81 -11.04
CA LEU I 78 -41.54 0.99 -12.22
C LEU I 78 -41.85 1.76 -13.49
N GLN I 79 -41.09 1.46 -14.53
CA GLN I 79 -41.22 2.09 -15.84
C GLN I 79 -41.25 1.01 -16.91
N PRO I 80 -41.78 1.32 -18.10
CA PRO I 80 -41.83 0.31 -19.17
C PRO I 80 -40.46 -0.24 -19.53
N ASP I 81 -39.40 0.57 -19.43
CA ASP I 81 -38.06 0.09 -19.74
C ASP I 81 -37.56 -0.93 -18.73
N ASP I 82 -38.22 -1.06 -17.58
CA ASP I 82 -37.76 -1.93 -16.51
C ASP I 82 -38.43 -3.31 -16.51
N PHE I 83 -39.22 -3.63 -17.53
CA PHE I 83 -39.82 -4.96 -17.64
C PHE I 83 -38.84 -5.89 -18.33
N ALA I 84 -38.09 -6.65 -17.54
CA ALA I 84 -37.05 -7.52 -18.07
C ALA I 84 -36.78 -8.62 -17.04
N SER I 85 -35.69 -9.34 -17.22
CA SER I 85 -35.26 -10.37 -16.27
C SER I 85 -34.10 -9.83 -15.43
N TYR I 86 -34.14 -10.13 -14.14
CA TYR I 86 -33.13 -9.65 -13.21
C TYR I 86 -32.42 -10.83 -12.56
N TYR I 87 -31.09 -10.81 -12.61
CA TYR I 87 -30.25 -11.90 -12.12
C TYR I 87 -29.35 -11.40 -10.99
N CYS I 88 -29.22 -12.20 -9.95
CA CYS I 88 -28.28 -11.94 -8.87
C CYS I 88 -27.10 -12.90 -8.98
N GLN I 89 -25.89 -12.35 -8.93
CA GLN I 89 -24.66 -13.12 -9.01
C GLN I 89 -23.79 -12.84 -7.80
N GLN I 90 -23.41 -13.89 -7.08
CA GLN I 90 -22.47 -13.76 -5.97
C GLN I 90 -21.05 -13.97 -6.48
N TYR I 91 -20.09 -13.33 -5.82
CA TYR I 91 -18.69 -13.60 -6.07
C TYR I 91 -17.93 -13.71 -4.75
N LYS I 92 -18.49 -14.48 -3.81
CA LYS I 92 -17.75 -14.86 -2.61
C LYS I 92 -16.76 -15.98 -2.92
N SER I 93 -17.15 -16.92 -3.78
CA SER I 93 -16.25 -17.99 -4.22
C SER I 93 -16.60 -18.28 -5.68
N TYR I 94 -15.72 -17.88 -6.59
CA TYR I 94 -16.00 -17.88 -8.02
C TYR I 94 -17.22 -17.01 -8.29
N ARG I 95 -17.92 -17.25 -9.39
CA ARG I 95 -19.11 -16.47 -9.74
C ARG I 95 -20.25 -17.44 -10.03
N THR I 96 -21.37 -17.27 -9.34
CA THR I 96 -22.57 -18.07 -9.54
C THR I 96 -23.78 -17.15 -9.67
N PHE I 97 -24.66 -17.46 -10.61
CA PHE I 97 -25.83 -16.65 -10.91
C PHE I 97 -27.09 -17.30 -10.37
N GLY I 98 -28.10 -16.47 -10.11
CA GLY I 98 -29.42 -16.98 -9.77
C GLY I 98 -30.27 -17.21 -10.99
N ARG I 99 -31.32 -18.00 -10.81
CA ARG I 99 -32.15 -18.40 -11.95
C ARG I 99 -32.93 -17.25 -12.55
N GLY I 100 -33.01 -16.11 -11.88
CA GLY I 100 -33.59 -14.92 -12.46
C GLY I 100 -35.05 -14.74 -12.08
N THR I 101 -35.50 -13.49 -12.16
CA THR I 101 -36.87 -13.11 -11.87
C THR I 101 -37.41 -12.28 -13.03
N LYS I 102 -38.55 -12.69 -13.57
CA LYS I 102 -39.16 -12.03 -14.73
C LYS I 102 -40.25 -11.09 -14.25
N VAL I 103 -40.19 -9.84 -14.69
CA VAL I 103 -41.18 -8.81 -14.34
C VAL I 103 -42.07 -8.60 -15.55
N GLU I 104 -43.33 -8.97 -15.44
CA GLU I 104 -44.29 -8.89 -16.53
C GLU I 104 -45.33 -7.80 -16.28
N ILE I 105 -46.05 -7.44 -17.33
CA ILE I 105 -47.07 -6.41 -17.25
C ILE I 105 -48.37 -7.03 -16.76
N LYS I 106 -49.00 -6.40 -15.78
CA LYS I 106 -50.24 -6.89 -15.21
C LYS I 106 -51.45 -6.37 -15.97
#